data_8F98
#
_entry.id   8F98
#
_cell.length_a   101.762
_cell.length_b   101.762
_cell.length_c   321.897
_cell.angle_alpha   90.00
_cell.angle_beta   90.00
_cell.angle_gamma   120.00
#
_symmetry.space_group_name_H-M   'P 61'
#
loop_
_entity.id
_entity.type
_entity.pdbx_description
1 polymer Procaspase-6
2 non-polymer 5-fluoro-2-({[(3M)-3-(1H-imidazol-4-yl)pyridin-2-yl]amino}methyl)phenol
3 water water
#
_entity_poly.entity_id   1
_entity_poly.type   'polypeptide(L)'
_entity_poly.pdbx_seq_one_letter_code
;MSSASGLRRGHPAGGEENMTETDAFYKREMFDPAEKYKMDHRRRGIALIFNHERFFWHLTLPERRGTCADRDNLTRRFSD
LGFEVKCFNDLKAEELLLKIHEVSTVSHADADCFVCVFLSHGEGNHIYAYDAKIEIQTLTGLFKGDKCHSLVGKPKIFII
QAARGNQHDVPVIPLDVVDNQTEKLDTNITEVDAASVYTLPAGADFLMCYSVAEGYYSHRETVNGSWYIQDLCEMLGKYG
SSLEFTELLTLVNRKVSQRRVDFCKDPSAIGKKQVPCFASMLTKKLHFFPKSNENLYFQ
;
_entity_poly.pdbx_strand_id   A,B,C,D
#
# COMPACT_ATOMS: atom_id res chain seq x y z
N MET A 30 -42.96 -5.24 -0.73
CA MET A 30 -43.26 -4.00 -1.52
C MET A 30 -41.94 -3.38 -2.00
N PHE A 31 -41.21 -4.05 -2.90
CA PHE A 31 -39.84 -3.67 -3.35
C PHE A 31 -39.92 -2.86 -4.65
N ASP A 32 -39.19 -1.76 -4.73
CA ASP A 32 -39.43 -0.73 -5.77
C ASP A 32 -38.13 -0.45 -6.54
N PRO A 33 -37.97 -0.93 -7.79
CA PRO A 33 -36.77 -0.64 -8.57
C PRO A 33 -36.50 0.85 -8.86
N ALA A 34 -37.47 1.73 -8.62
CA ALA A 34 -37.34 3.19 -8.90
C ALA A 34 -37.28 3.96 -7.58
N GLU A 35 -36.98 3.29 -6.46
CA GLU A 35 -36.93 3.93 -5.13
C GLU A 35 -35.88 5.06 -5.16
N LYS A 36 -36.27 6.23 -4.66
CA LYS A 36 -35.45 7.46 -4.53
C LYS A 36 -35.21 7.74 -3.05
N TYR A 37 -34.02 8.22 -2.71
CA TYR A 37 -33.76 8.85 -1.39
C TYR A 37 -34.86 9.89 -1.17
N LYS A 38 -35.35 10.00 0.07
CA LYS A 38 -36.26 11.09 0.51
C LYS A 38 -35.51 12.44 0.41
N MET A 39 -35.98 13.31 -0.46
CA MET A 39 -35.38 14.66 -0.65
C MET A 39 -36.45 15.75 -0.44
N ASP A 40 -37.33 15.54 0.55
CA ASP A 40 -38.49 16.42 0.89
C ASP A 40 -38.36 16.95 2.34
N HIS A 41 -37.16 16.99 2.92
CA HIS A 41 -36.87 17.60 4.25
C HIS A 41 -36.96 19.12 4.13
N ARG A 42 -36.98 19.84 5.26
CA ARG A 42 -37.15 21.33 5.27
C ARG A 42 -36.01 21.97 4.44
N ARG A 43 -34.76 21.59 4.71
CA ARG A 43 -33.56 22.14 3.99
C ARG A 43 -32.88 21.02 3.16
N ARG A 44 -32.17 21.41 2.11
CA ARG A 44 -31.35 20.48 1.28
C ARG A 44 -30.21 19.91 2.13
N GLY A 45 -29.46 20.81 2.80
CA GLY A 45 -28.29 20.44 3.62
C GLY A 45 -27.08 21.33 3.37
N ILE A 46 -25.98 20.99 4.03
CA ILE A 46 -24.70 21.73 3.96
C ILE A 46 -23.84 21.18 2.83
N ALA A 47 -23.15 22.05 2.10
CA ALA A 47 -22.03 21.68 1.21
C ALA A 47 -20.77 22.36 1.76
N LEU A 48 -19.90 21.63 2.44
CA LEU A 48 -18.53 22.08 2.78
C LEU A 48 -17.70 22.13 1.50
N ILE A 49 -16.85 23.15 1.38
CA ILE A 49 -15.78 23.21 0.36
C ILE A 49 -14.50 23.63 1.06
N PHE A 50 -13.57 22.70 1.26
CA PHE A 50 -12.19 23.01 1.69
C PHE A 50 -11.36 23.30 0.45
N ASN A 51 -10.87 24.54 0.34
CA ASN A 51 -10.20 25.06 -0.88
C ASN A 51 -8.75 25.41 -0.53
N HIS A 52 -7.80 24.80 -1.22
CA HIS A 52 -6.34 24.89 -0.90
C HIS A 52 -5.57 25.38 -2.13
N GLU A 53 -5.04 26.61 -2.03
CA GLU A 53 -4.28 27.30 -3.10
C GLU A 53 -2.77 27.20 -2.83
N ARG A 54 -2.36 27.36 -1.57
CA ARG A 54 -0.94 27.42 -1.13
C ARG A 54 -0.73 26.44 0.02
N PHE A 55 0.53 26.11 0.27
CA PHE A 55 0.95 25.09 1.26
C PHE A 55 2.18 25.59 2.02
N PHE A 56 2.24 25.25 3.31
CA PHE A 56 3.44 25.41 4.16
C PHE A 56 4.70 25.14 3.33
N TRP A 57 5.72 26.00 3.42
CA TRP A 57 6.95 25.88 2.59
C TRP A 57 7.47 24.43 2.64
N HIS A 58 7.65 23.85 3.83
CA HIS A 58 8.40 22.59 4.03
C HIS A 58 7.67 21.36 3.46
N LEU A 59 6.52 21.55 2.82
CA LEU A 59 5.77 20.47 2.11
C LEU A 59 6.23 20.41 0.65
N THR A 60 6.84 21.48 0.13
CA THR A 60 7.34 21.53 -1.28
C THR A 60 6.20 21.14 -2.22
N LEU A 61 5.05 21.81 -2.10
CA LEU A 61 3.86 21.61 -2.98
C LEU A 61 3.58 22.91 -3.70
N PRO A 62 3.29 22.88 -5.00
CA PRO A 62 3.06 24.10 -5.77
C PRO A 62 1.70 24.78 -5.52
N GLU A 63 1.66 26.10 -5.67
CA GLU A 63 0.41 26.90 -5.77
C GLU A 63 -0.55 26.14 -6.70
N ARG A 64 -1.82 26.07 -6.33
CA ARG A 64 -2.88 25.52 -7.20
C ARG A 64 -3.63 26.71 -7.81
N ARG A 65 -2.95 27.52 -8.63
CA ARG A 65 -3.54 28.72 -9.29
C ARG A 65 -4.76 28.27 -10.09
N GLY A 66 -5.94 28.83 -9.79
CA GLY A 66 -7.22 28.53 -10.49
C GLY A 66 -8.26 27.89 -9.58
N THR A 67 -7.83 27.42 -8.41
CA THR A 67 -8.69 26.68 -7.45
C THR A 67 -9.81 27.60 -6.94
N CYS A 68 -9.67 28.92 -7.05
CA CYS A 68 -10.72 29.89 -6.60
C CYS A 68 -11.85 29.94 -7.62
N ALA A 69 -11.57 29.75 -8.91
CA ALA A 69 -12.60 29.57 -9.95
C ALA A 69 -13.45 28.36 -9.57
N ASP A 70 -12.79 27.25 -9.23
CA ASP A 70 -13.43 25.98 -8.84
C ASP A 70 -14.36 26.26 -7.64
N ARG A 71 -13.81 26.84 -6.57
CA ARG A 71 -14.55 27.15 -5.31
C ARG A 71 -15.79 28.00 -5.64
N ASP A 72 -15.67 29.00 -6.50
CA ASP A 72 -16.76 29.96 -6.81
C ASP A 72 -17.80 29.27 -7.69
N ASN A 73 -17.36 28.55 -8.74
CA ASN A 73 -18.25 27.79 -9.66
C ASN A 73 -19.05 26.77 -8.83
N LEU A 74 -18.40 26.02 -7.95
CA LEU A 74 -19.09 25.01 -7.10
C LEU A 74 -20.08 25.75 -6.20
N THR A 75 -19.63 26.82 -5.54
CA THR A 75 -20.45 27.58 -4.58
C THR A 75 -21.76 27.99 -5.28
N ARG A 76 -21.67 28.49 -6.50
CA ARG A 76 -22.86 28.95 -7.27
C ARG A 76 -23.77 27.73 -7.49
N ARG A 77 -23.28 26.64 -8.04
CA ARG A 77 -24.15 25.54 -8.55
C ARG A 77 -24.80 24.77 -7.40
N PHE A 78 -24.07 24.60 -6.30
CA PHE A 78 -24.58 23.92 -5.08
C PHE A 78 -25.60 24.81 -4.38
N SER A 79 -25.39 26.13 -4.40
CA SER A 79 -26.37 27.11 -3.87
C SER A 79 -27.68 26.94 -4.64
N ASP A 80 -27.61 26.95 -5.97
CA ASP A 80 -28.81 26.94 -6.85
C ASP A 80 -29.58 25.63 -6.67
N LEU A 81 -28.97 24.60 -6.07
CA LEU A 81 -29.64 23.30 -5.76
C LEU A 81 -30.15 23.30 -4.33
N GLY A 82 -29.90 24.36 -3.57
CA GLY A 82 -30.53 24.59 -2.26
C GLY A 82 -29.58 24.36 -1.09
N PHE A 83 -28.29 24.15 -1.37
CA PHE A 83 -27.30 23.86 -0.30
C PHE A 83 -26.91 25.15 0.41
N GLU A 84 -26.74 25.07 1.72
CA GLU A 84 -26.01 26.08 2.53
C GLU A 84 -24.52 25.82 2.29
N VAL A 85 -23.89 26.56 1.37
CA VAL A 85 -22.47 26.33 1.00
C VAL A 85 -21.59 27.01 2.04
N LYS A 86 -20.64 26.31 2.64
CA LYS A 86 -19.65 26.90 3.56
C LYS A 86 -18.24 26.64 3.02
N CYS A 87 -17.53 27.67 2.58
CA CYS A 87 -16.15 27.58 2.03
C CYS A 87 -15.14 27.88 3.13
N PHE A 88 -13.98 27.21 3.10
CA PHE A 88 -12.82 27.50 3.99
C PHE A 88 -11.54 27.43 3.15
N ASN A 89 -10.73 28.49 3.23
CA ASN A 89 -9.49 28.63 2.42
C ASN A 89 -8.28 28.33 3.30
N ASP A 90 -7.49 27.33 2.90
CA ASP A 90 -6.10 27.12 3.38
C ASP A 90 -6.09 26.87 4.89
N LEU A 91 -7.03 26.06 5.39
CA LEU A 91 -7.05 25.60 6.80
C LEU A 91 -5.85 24.68 7.06
N LYS A 92 -5.21 24.85 8.21
CA LYS A 92 -4.26 23.86 8.77
C LYS A 92 -5.07 22.64 9.24
N ALA A 93 -4.43 21.48 9.35
CA ALA A 93 -5.03 20.20 9.73
C ALA A 93 -5.94 20.39 10.96
N GLU A 94 -5.42 21.01 12.01
CA GLU A 94 -6.18 21.21 13.27
C GLU A 94 -7.46 21.98 12.98
N GLU A 95 -7.39 23.09 12.26
CA GLU A 95 -8.59 23.94 11.97
C GLU A 95 -9.58 23.10 11.17
N LEU A 96 -9.10 22.34 10.18
CA LEU A 96 -9.94 21.61 9.21
C LEU A 96 -10.71 20.54 9.98
N LEU A 97 -9.98 19.72 10.73
CA LEU A 97 -10.58 18.67 11.59
C LEU A 97 -11.62 19.30 12.53
N LEU A 98 -11.37 20.45 13.12
CA LEU A 98 -12.36 21.12 14.00
C LEU A 98 -13.61 21.46 13.18
N LYS A 99 -13.48 22.08 12.00
CA LYS A 99 -14.67 22.57 11.25
C LYS A 99 -15.50 21.35 10.83
N ILE A 100 -14.84 20.30 10.39
CA ILE A 100 -15.55 19.15 9.78
C ILE A 100 -16.17 18.33 10.91
N HIS A 101 -15.51 18.26 12.07
CA HIS A 101 -16.07 17.57 13.27
C HIS A 101 -17.28 18.34 13.79
N GLU A 102 -17.17 19.67 13.88
CA GLU A 102 -18.30 20.57 14.22
C GLU A 102 -19.50 20.14 13.36
N VAL A 103 -19.32 20.15 12.04
CA VAL A 103 -20.40 19.90 11.06
C VAL A 103 -20.94 18.48 11.23
N SER A 104 -20.12 17.53 11.65
CA SER A 104 -20.53 16.12 11.81
C SER A 104 -21.44 15.94 13.02
N THR A 105 -21.35 16.82 14.04
CA THR A 105 -21.98 16.62 15.39
C THR A 105 -23.16 17.57 15.63
N VAL A 106 -23.25 18.66 14.89
CA VAL A 106 -24.52 19.41 14.63
C VAL A 106 -25.57 18.42 14.12
N SER A 107 -26.85 18.76 14.22
CA SER A 107 -27.98 17.91 13.71
C SER A 107 -28.25 18.20 12.23
N HIS A 108 -28.40 17.15 11.42
CA HIS A 108 -28.81 17.19 9.99
C HIS A 108 -30.23 16.62 9.83
N ALA A 109 -30.96 16.48 10.95
CA ALA A 109 -32.29 15.80 11.00
C ALA A 109 -33.22 16.37 9.94
N ASP A 110 -33.19 17.69 9.72
CA ASP A 110 -34.13 18.39 8.81
C ASP A 110 -33.51 18.59 7.43
N ALA A 111 -32.48 17.82 7.09
CA ALA A 111 -31.69 17.98 5.84
C ALA A 111 -31.84 16.73 4.95
N ASP A 112 -31.81 16.94 3.63
CA ASP A 112 -31.89 15.85 2.63
C ASP A 112 -30.58 15.06 2.60
N CYS A 113 -29.43 15.75 2.65
CA CYS A 113 -28.12 15.12 2.42
C CYS A 113 -26.98 16.02 2.89
N PHE A 114 -25.77 15.58 2.60
CA PHE A 114 -24.50 16.28 2.93
C PHE A 114 -23.52 16.13 1.78
N VAL A 115 -22.93 17.25 1.37
CA VAL A 115 -21.89 17.33 0.32
C VAL A 115 -20.64 17.91 0.96
N CYS A 116 -19.50 17.29 0.69
CA CYS A 116 -18.20 17.78 1.16
C CYS A 116 -17.26 17.75 -0.04
N VAL A 117 -16.58 18.86 -0.33
CA VAL A 117 -15.63 18.98 -1.45
C VAL A 117 -14.23 19.32 -0.94
N PHE A 118 -13.23 18.62 -1.45
CA PHE A 118 -11.79 18.94 -1.25
C PHE A 118 -11.18 19.35 -2.59
N LEU A 119 -10.54 20.50 -2.57
CA LEU A 119 -9.73 21.05 -3.68
C LEU A 119 -8.34 21.24 -3.12
N SER A 120 -7.46 20.27 -3.31
CA SER A 120 -6.09 20.31 -2.75
C SER A 120 -5.17 19.36 -3.52
N HIS A 121 -3.98 19.16 -3.00
CA HIS A 121 -3.11 18.03 -3.39
C HIS A 121 -3.49 16.83 -2.53
N GLY A 122 -3.11 15.64 -2.94
CA GLY A 122 -3.32 14.40 -2.17
C GLY A 122 -2.37 13.32 -2.61
N GLU A 123 -2.36 12.21 -1.88
CA GLU A 123 -1.51 11.03 -2.12
C GLU A 123 -2.22 9.87 -1.42
N GLY A 124 -2.48 8.78 -2.12
CA GLY A 124 -2.99 7.54 -1.52
C GLY A 124 -4.32 7.77 -0.86
N ASN A 125 -4.39 7.56 0.46
CA ASN A 125 -5.64 7.76 1.23
C ASN A 125 -5.60 9.12 1.95
N HIS A 126 -4.83 10.09 1.45
CA HIS A 126 -4.61 11.39 2.13
C HIS A 126 -5.00 12.56 1.23
N ILE A 127 -5.53 13.60 1.83
CA ILE A 127 -5.70 14.94 1.22
C ILE A 127 -4.70 15.83 1.96
N TYR A 128 -4.16 16.85 1.30
CA TYR A 128 -3.31 17.85 1.98
C TYR A 128 -4.20 19.01 2.46
N ALA A 129 -4.11 19.26 3.77
CA ALA A 129 -4.38 20.58 4.37
C ALA A 129 -3.18 21.47 4.07
N TYR A 130 -3.14 22.69 4.61
CA TYR A 130 -2.04 23.67 4.43
C TYR A 130 -0.71 23.07 4.94
N ASP A 131 -0.73 22.39 6.08
CA ASP A 131 0.51 22.09 6.85
C ASP A 131 0.81 20.59 6.88
N ALA A 132 -0.15 19.72 6.57
CA ALA A 132 0.05 18.26 6.71
C ALA A 132 -1.08 17.50 6.00
N LYS A 133 -0.85 16.20 5.84
CA LYS A 133 -1.83 15.34 5.14
C LYS A 133 -2.80 14.82 6.19
N ILE A 134 -4.04 14.58 5.74
CA ILE A 134 -5.13 13.99 6.55
C ILE A 134 -5.66 12.75 5.81
N GLU A 135 -5.87 11.68 6.58
CA GLU A 135 -6.46 10.41 6.11
C GLU A 135 -7.92 10.67 5.71
N ILE A 136 -8.27 10.46 4.45
CA ILE A 136 -9.65 10.63 3.93
C ILE A 136 -10.66 9.82 4.78
N GLN A 137 -10.31 8.58 5.17
CA GLN A 137 -11.20 7.68 5.94
C GLN A 137 -11.63 8.38 7.23
N THR A 138 -10.77 9.18 7.87
CA THR A 138 -11.14 9.82 9.16
C THR A 138 -12.17 10.94 8.89
N LEU A 139 -12.13 11.55 7.70
CA LEU A 139 -13.09 12.62 7.36
C LEU A 139 -14.44 12.00 6.99
N THR A 140 -14.48 10.98 6.14
CA THR A 140 -15.76 10.32 5.76
C THR A 140 -16.30 9.57 6.96
N GLY A 141 -15.41 9.07 7.82
CA GLY A 141 -15.77 8.31 9.04
C GLY A 141 -16.68 9.08 9.98
N LEU A 142 -16.57 10.40 9.99
CA LEU A 142 -17.30 11.28 10.91
C LEU A 142 -18.79 11.29 10.56
N PHE A 143 -19.14 10.90 9.32
CA PHE A 143 -20.54 10.95 8.80
C PHE A 143 -21.12 9.54 8.62
N LYS A 144 -20.38 8.49 8.96
CA LYS A 144 -20.85 7.08 8.94
C LYS A 144 -21.98 6.95 9.96
N GLY A 145 -23.02 6.18 9.64
CA GLY A 145 -24.18 5.90 10.52
C GLY A 145 -23.84 5.93 11.99
N ASP A 146 -22.85 5.14 12.43
CA ASP A 146 -22.44 5.03 13.86
C ASP A 146 -22.36 6.44 14.48
N LYS A 147 -21.63 7.36 13.85
CA LYS A 147 -21.09 8.61 14.46
C LYS A 147 -21.97 9.83 14.14
N CYS A 148 -22.92 9.74 13.20
CA CYS A 148 -23.75 10.90 12.77
C CYS A 148 -25.15 10.43 12.40
N HIS A 149 -26.03 10.30 13.40
CA HIS A 149 -27.33 9.59 13.33
C HIS A 149 -28.28 10.34 12.37
N SER A 150 -28.25 11.66 12.42
CA SER A 150 -29.13 12.57 11.63
C SER A 150 -28.90 12.41 10.12
N LEU A 151 -27.86 11.68 9.68
CA LEU A 151 -27.52 11.49 8.23
C LEU A 151 -27.69 10.02 7.81
N VAL A 152 -28.03 9.13 8.75
CA VAL A 152 -28.25 7.70 8.43
C VAL A 152 -29.32 7.60 7.34
N GLY A 153 -29.06 6.84 6.28
CA GLY A 153 -30.00 6.58 5.17
C GLY A 153 -30.14 7.79 4.27
N LYS A 154 -29.36 8.85 4.50
CA LYS A 154 -29.32 10.03 3.60
C LYS A 154 -28.01 9.96 2.81
N PRO A 155 -28.00 10.41 1.53
CA PRO A 155 -26.79 10.38 0.73
C PRO A 155 -25.71 11.31 1.30
N LYS A 156 -24.45 10.85 1.32
CA LYS A 156 -23.26 11.64 1.73
C LYS A 156 -22.30 11.65 0.54
N ILE A 157 -22.22 12.76 -0.17
CA ILE A 157 -21.44 12.91 -1.42
C ILE A 157 -20.13 13.61 -1.10
N PHE A 158 -18.98 12.97 -1.37
CA PHE A 158 -17.66 13.63 -1.35
C PHE A 158 -17.16 13.79 -2.79
N ILE A 159 -16.70 14.99 -3.12
CA ILE A 159 -16.08 15.32 -4.43
C ILE A 159 -14.62 15.70 -4.16
N ILE A 160 -13.68 15.03 -4.82
CA ILE A 160 -12.23 15.16 -4.50
C ILE A 160 -11.46 15.49 -5.77
N GLN A 161 -11.01 16.73 -5.84
CA GLN A 161 -10.13 17.24 -6.91
C GLN A 161 -8.77 17.35 -6.24
N ALA A 162 -8.02 16.26 -6.25
CA ALA A 162 -6.69 16.18 -5.62
C ALA A 162 -5.80 15.25 -6.43
N ALA A 163 -4.56 15.68 -6.64
CA ALA A 163 -3.53 14.92 -7.37
C ALA A 163 -2.15 15.24 -6.77
N ARG A 164 -1.08 14.76 -7.40
CA ARG A 164 0.33 14.92 -6.94
C ARG A 164 0.84 16.30 -7.38
N GLY A 165 1.28 17.14 -6.45
CA GLY A 165 1.90 18.42 -6.83
C GLY A 165 3.24 18.21 -7.52
N ASN A 166 3.31 18.34 -8.85
CA ASN A 166 4.43 17.83 -9.70
C ASN A 166 5.79 18.49 -9.37
N GLN A 167 5.85 19.82 -9.30
CA GLN A 167 7.12 20.63 -9.23
C GLN A 167 7.96 20.44 -10.51
N THR A 187 -1.89 34.27 -20.25
CA THR A 187 -2.38 34.40 -18.85
C THR A 187 -2.89 33.04 -18.33
N ASN A 188 -3.73 32.34 -19.10
CA ASN A 188 -4.46 31.09 -18.74
C ASN A 188 -3.71 29.87 -19.31
N ILE A 189 -2.73 29.36 -18.56
CA ILE A 189 -2.00 28.11 -18.93
C ILE A 189 -2.73 26.93 -18.27
N THR A 190 -2.68 25.77 -18.90
CA THR A 190 -3.18 24.48 -18.38
C THR A 190 -2.05 23.74 -17.65
N GLU A 191 -2.12 23.58 -16.33
CA GLU A 191 -1.17 22.74 -15.55
C GLU A 191 -1.73 21.33 -15.43
N VAL A 192 -0.84 20.34 -15.35
CA VAL A 192 -1.20 18.90 -15.43
C VAL A 192 -0.49 18.14 -14.29
N ASP A 193 -1.27 17.38 -13.52
CA ASP A 193 -0.78 16.59 -12.35
C ASP A 193 -1.06 15.12 -12.62
N ALA A 194 -0.21 14.23 -12.11
CA ALA A 194 -0.44 12.77 -12.15
C ALA A 194 -1.52 12.41 -11.13
N ALA A 195 -2.46 11.52 -11.45
CA ALA A 195 -3.38 10.94 -10.45
C ALA A 195 -2.56 10.39 -9.28
N SER A 196 -3.03 10.56 -8.05
CA SER A 196 -2.32 10.10 -6.83
C SER A 196 -3.28 9.55 -5.77
N VAL A 197 -4.54 9.99 -5.74
CA VAL A 197 -5.47 9.71 -4.62
C VAL A 197 -6.28 8.45 -4.96
N TYR A 198 -6.17 7.42 -4.11
CA TYR A 198 -6.92 6.16 -4.27
C TYR A 198 -8.40 6.52 -4.37
N THR A 199 -9.10 5.93 -5.34
CA THR A 199 -10.52 6.20 -5.63
C THR A 199 -11.38 5.31 -4.73
N LEU A 200 -11.25 5.52 -3.43
CA LEU A 200 -11.85 4.70 -2.35
C LEU A 200 -13.37 4.85 -2.36
N PRO A 201 -14.13 3.80 -1.98
CA PRO A 201 -15.52 3.96 -1.57
C PRO A 201 -15.48 4.35 -0.08
N ALA A 202 -16.59 4.69 0.56
CA ALA A 202 -16.60 5.00 2.02
C ALA A 202 -17.43 3.98 2.80
N GLY A 203 -18.73 4.21 2.91
CA GLY A 203 -19.67 3.26 3.55
C GLY A 203 -21.05 3.36 2.94
N ALA A 204 -22.03 2.66 3.52
CA ALA A 204 -23.41 2.68 3.01
C ALA A 204 -23.84 4.13 2.82
N ASP A 205 -24.40 4.43 1.66
CA ASP A 205 -25.13 5.67 1.39
C ASP A 205 -24.15 6.82 1.16
N PHE A 206 -22.87 6.51 0.99
CA PHE A 206 -21.87 7.46 0.45
C PHE A 206 -21.70 7.33 -1.08
N LEU A 207 -21.30 8.43 -1.71
CA LEU A 207 -20.90 8.49 -3.12
C LEU A 207 -19.59 9.27 -3.20
N MET A 208 -18.48 8.59 -3.48
CA MET A 208 -17.15 9.23 -3.59
C MET A 208 -16.90 9.54 -5.06
N CYS A 209 -16.67 10.81 -5.38
CA CYS A 209 -16.47 11.35 -6.73
C CYS A 209 -15.03 11.85 -6.86
N TYR A 210 -14.31 11.43 -7.91
CA TYR A 210 -12.87 11.69 -8.11
C TYR A 210 -12.61 12.34 -9.47
N SER A 211 -11.88 13.45 -9.49
CA SER A 211 -11.38 14.18 -10.69
C SER A 211 -10.70 13.22 -11.69
N VAL A 212 -10.03 12.16 -11.21
CA VAL A 212 -9.10 11.37 -12.08
C VAL A 212 -8.87 10.00 -11.46
N ALA A 213 -8.75 8.98 -12.31
CA ALA A 213 -8.47 7.58 -11.91
C ALA A 213 -6.97 7.26 -12.05
N GLU A 214 -6.51 6.14 -11.48
CA GLU A 214 -5.09 5.67 -11.55
C GLU A 214 -4.64 5.65 -13.02
N GLY A 215 -3.42 6.14 -13.27
CA GLY A 215 -2.79 6.10 -14.60
C GLY A 215 -3.25 7.23 -15.51
N TYR A 216 -4.25 8.03 -15.13
CA TYR A 216 -4.66 9.22 -15.91
C TYR A 216 -4.04 10.46 -15.26
N TYR A 217 -4.35 11.63 -15.82
CA TYR A 217 -3.77 12.93 -15.40
C TYR A 217 -4.90 13.94 -15.18
N SER A 218 -4.70 14.85 -14.25
CA SER A 218 -5.70 15.86 -13.84
C SER A 218 -5.22 17.24 -14.28
N HIS A 219 -6.11 17.99 -14.94
CA HIS A 219 -5.83 19.29 -15.60
C HIS A 219 -6.48 20.43 -14.81
N ARG A 220 -5.73 21.52 -14.61
CA ARG A 220 -6.28 22.79 -14.07
C ARG A 220 -5.80 23.97 -14.92
N GLU A 221 -6.74 24.76 -15.44
CA GLU A 221 -6.50 26.06 -16.14
C GLU A 221 -6.33 27.09 -15.03
N THR A 222 -5.35 27.99 -15.12
CA THR A 222 -4.96 28.90 -14.00
C THR A 222 -5.99 29.99 -13.78
N VAL A 223 -6.92 30.22 -14.73
CA VAL A 223 -8.02 31.21 -14.61
C VAL A 223 -9.36 30.47 -14.57
N ASN A 224 -9.59 29.54 -15.48
CA ASN A 224 -10.90 28.85 -15.65
C ASN A 224 -11.12 27.73 -14.63
N GLY A 225 -10.04 27.19 -14.06
CA GLY A 225 -10.07 26.12 -13.03
C GLY A 225 -9.94 24.71 -13.61
N SER A 226 -10.15 23.72 -12.76
CA SER A 226 -9.96 22.28 -13.05
C SER A 226 -10.94 21.83 -14.14
N TRP A 227 -10.48 21.00 -15.07
CA TRP A 227 -11.34 20.41 -16.12
C TRP A 227 -12.53 19.73 -15.45
N TYR A 228 -12.26 18.92 -14.43
CA TYR A 228 -13.29 18.09 -13.75
C TYR A 228 -14.37 19.02 -13.17
N ILE A 229 -13.96 20.08 -12.49
CA ILE A 229 -14.89 21.00 -11.80
C ILE A 229 -15.68 21.80 -12.83
N GLN A 230 -15.01 22.29 -13.88
CA GLN A 230 -15.68 23.02 -14.98
C GLN A 230 -16.83 22.15 -15.48
N ASP A 231 -16.53 20.89 -15.79
CA ASP A 231 -17.49 19.97 -16.46
C ASP A 231 -18.55 19.53 -15.44
N LEU A 232 -18.15 19.23 -14.21
CA LEU A 232 -19.15 18.95 -13.15
C LEU A 232 -20.10 20.16 -13.03
N CYS A 233 -19.56 21.36 -12.92
CA CYS A 233 -20.37 22.59 -12.69
C CYS A 233 -21.23 22.90 -13.91
N GLU A 234 -20.75 22.65 -15.14
CA GLU A 234 -21.59 22.85 -16.35
C GLU A 234 -22.78 21.90 -16.26
N MET A 235 -22.53 20.64 -15.93
CA MET A 235 -23.59 19.61 -15.86
C MET A 235 -24.55 19.94 -14.71
N LEU A 236 -24.06 20.38 -13.56
CA LEU A 236 -24.94 20.80 -12.43
C LEU A 236 -25.87 21.92 -12.88
N GLY A 237 -25.35 22.93 -13.57
CA GLY A 237 -26.12 24.06 -14.15
C GLY A 237 -27.24 23.59 -15.07
N LYS A 238 -26.92 22.82 -16.10
CA LYS A 238 -27.91 22.37 -17.11
C LYS A 238 -28.87 21.35 -16.50
N TYR A 239 -28.37 20.35 -15.78
CA TYR A 239 -29.12 19.09 -15.49
C TYR A 239 -29.18 18.79 -13.98
N GLY A 240 -28.55 19.59 -13.12
CA GLY A 240 -28.54 19.33 -11.67
C GLY A 240 -29.92 18.97 -11.14
N SER A 241 -30.94 19.73 -11.55
CA SER A 241 -32.32 19.74 -11.00
C SER A 241 -33.24 18.71 -11.67
N SER A 242 -32.82 18.06 -12.76
CA SER A 242 -33.63 17.05 -13.50
C SER A 242 -33.04 15.63 -13.37
N LEU A 243 -31.72 15.47 -13.57
CA LEU A 243 -31.08 14.15 -13.76
C LEU A 243 -30.71 13.51 -12.41
N GLU A 244 -30.73 12.18 -12.39
CA GLU A 244 -30.20 11.36 -11.27
C GLU A 244 -28.67 11.61 -11.16
N PHE A 245 -28.12 11.70 -9.96
CA PHE A 245 -26.81 12.34 -9.77
C PHE A 245 -25.71 11.47 -10.39
N THR A 246 -25.82 10.15 -10.30
CA THR A 246 -24.85 9.23 -10.93
C THR A 246 -24.98 9.33 -12.47
N GLU A 247 -26.19 9.52 -13.01
CA GLU A 247 -26.43 9.79 -14.47
C GLU A 247 -25.58 10.98 -14.89
N LEU A 248 -25.60 12.03 -14.07
CA LEU A 248 -24.91 13.31 -14.29
C LEU A 248 -23.41 13.11 -14.22
N LEU A 249 -22.92 12.45 -13.18
CA LEU A 249 -21.47 12.14 -13.00
C LEU A 249 -20.97 11.38 -14.23
N THR A 250 -21.84 10.59 -14.86
CA THR A 250 -21.48 9.79 -16.07
C THR A 250 -21.29 10.76 -17.23
N LEU A 251 -22.17 11.76 -17.35
CA LEU A 251 -21.98 12.86 -18.34
C LEU A 251 -20.62 13.53 -18.09
N VAL A 252 -20.27 13.78 -16.83
CA VAL A 252 -18.97 14.43 -16.49
C VAL A 252 -17.82 13.53 -16.93
N ASN A 253 -17.98 12.21 -16.80
CA ASN A 253 -16.93 11.27 -17.26
C ASN A 253 -16.79 11.40 -18.78
N ARG A 254 -17.91 11.44 -19.50
CA ARG A 254 -17.87 11.57 -20.98
C ARG A 254 -17.17 12.89 -21.30
N LYS A 255 -17.64 13.99 -20.72
CA LYS A 255 -17.18 15.37 -21.07
C LYS A 255 -15.67 15.44 -20.85
N VAL A 256 -15.19 15.00 -19.68
CA VAL A 256 -13.75 15.14 -19.32
C VAL A 256 -12.91 14.19 -20.20
N SER A 257 -13.40 12.97 -20.44
CA SER A 257 -12.66 11.94 -21.21
C SER A 257 -12.46 12.45 -22.65
N GLN A 258 -13.45 13.17 -23.17
CA GLN A 258 -13.47 13.72 -24.55
C GLN A 258 -12.67 15.01 -24.68
N ARG A 259 -12.08 15.57 -23.63
CA ARG A 259 -11.20 16.77 -23.80
C ARG A 259 -9.95 16.29 -24.55
N ARG A 260 -9.65 16.84 -25.73
CA ARG A 260 -8.53 16.35 -26.57
C ARG A 260 -7.22 16.86 -25.94
N VAL A 261 -6.17 16.03 -26.00
CA VAL A 261 -4.84 16.31 -25.38
C VAL A 261 -3.72 15.93 -26.38
N ASP A 262 -3.97 16.11 -27.68
CA ASP A 262 -3.03 15.80 -28.79
C ASP A 262 -2.22 17.06 -29.15
N PHE A 263 -2.85 18.24 -29.31
CA PHE A 263 -2.16 19.51 -29.65
C PHE A 263 -2.14 20.43 -28.42
N CYS A 264 -1.03 20.44 -27.67
CA CYS A 264 -0.87 21.13 -26.34
C CYS A 264 0.31 22.09 -26.40
N LYS A 265 0.20 23.27 -25.77
CA LYS A 265 1.27 24.32 -25.77
C LYS A 265 2.57 23.76 -25.17
N ASP A 266 2.50 22.90 -24.14
CA ASP A 266 3.67 22.14 -23.63
C ASP A 266 3.76 20.85 -24.45
N PRO A 267 4.96 20.46 -24.96
CA PRO A 267 5.16 19.14 -25.56
C PRO A 267 4.88 17.95 -24.62
N SER A 268 5.40 17.99 -23.39
CA SER A 268 5.38 16.88 -22.40
C SER A 268 3.97 16.66 -21.83
N ALA A 269 3.03 17.60 -22.06
CA ALA A 269 1.62 17.50 -21.63
C ALA A 269 0.77 16.73 -22.66
N ILE A 270 1.31 16.44 -23.85
CA ILE A 270 0.60 15.70 -24.93
C ILE A 270 0.44 14.25 -24.48
N GLY A 271 -0.74 13.67 -24.73
CA GLY A 271 -1.02 12.22 -24.51
C GLY A 271 -1.49 11.92 -23.09
N LYS A 272 -1.52 12.93 -22.22
CA LYS A 272 -1.93 12.79 -20.80
C LYS A 272 -3.46 12.92 -20.70
N LYS A 273 -4.24 11.87 -20.96
CA LYS A 273 -5.73 11.93 -20.90
C LYS A 273 -6.19 12.06 -19.44
N GLN A 274 -7.41 12.57 -19.25
CA GLN A 274 -8.06 12.65 -17.93
C GLN A 274 -9.35 11.85 -18.00
N VAL A 275 -9.48 10.85 -17.14
CA VAL A 275 -10.72 10.05 -16.95
C VAL A 275 -11.06 10.06 -15.46
N PRO A 276 -12.15 10.74 -15.07
CA PRO A 276 -12.60 10.72 -13.69
C PRO A 276 -13.33 9.40 -13.42
N CYS A 277 -13.75 9.20 -12.18
CA CYS A 277 -14.61 8.07 -11.79
C CYS A 277 -15.42 8.40 -10.53
N PHE A 278 -16.36 7.51 -10.19
CA PHE A 278 -17.09 7.58 -8.92
C PHE A 278 -17.27 6.18 -8.35
N ALA A 279 -17.17 6.09 -7.03
CA ALA A 279 -17.45 4.88 -6.25
C ALA A 279 -18.77 5.07 -5.52
N SER A 280 -19.82 4.34 -5.91
CA SER A 280 -21.20 4.45 -5.39
C SER A 280 -21.43 3.33 -4.42
N MET A 281 -21.81 3.67 -3.20
CA MET A 281 -22.40 2.73 -2.21
C MET A 281 -23.81 3.24 -1.94
N LEU A 282 -24.36 4.03 -2.85
CA LEU A 282 -25.76 4.51 -2.71
C LEU A 282 -26.68 3.31 -2.87
N THR A 283 -27.86 3.37 -2.25
CA THR A 283 -28.85 2.27 -2.21
C THR A 283 -30.14 2.70 -2.92
N LYS A 284 -30.21 3.94 -3.42
CA LYS A 284 -31.42 4.46 -4.10
C LYS A 284 -31.01 5.51 -5.11
N LYS A 285 -31.97 5.93 -5.92
CA LYS A 285 -31.77 7.01 -6.90
C LYS A 285 -31.66 8.32 -6.11
N LEU A 286 -30.81 9.23 -6.58
CA LEU A 286 -30.52 10.53 -5.96
C LEU A 286 -30.88 11.62 -6.95
N HIS A 287 -31.90 12.43 -6.63
CA HIS A 287 -32.33 13.60 -7.44
C HIS A 287 -32.26 14.86 -6.56
N PHE A 288 -31.96 16.00 -7.18
CA PHE A 288 -32.00 17.33 -6.51
C PHE A 288 -33.08 18.17 -7.19
N PHE A 289 -34.33 17.66 -7.23
CA PHE A 289 -35.49 18.40 -7.79
C PHE A 289 -35.64 19.70 -7.00
N PRO A 290 -36.09 20.82 -7.63
CA PRO A 290 -36.28 22.07 -6.89
C PRO A 290 -37.16 21.83 -5.65
N LYS A 291 -36.77 22.34 -4.48
CA LYS A 291 -37.58 22.19 -3.24
C LYS A 291 -38.70 23.24 -3.27
N SER A 292 -39.90 22.90 -2.77
CA SER A 292 -41.06 23.84 -2.68
C SER A 292 -40.87 24.76 -1.45
N ASN A 293 -40.52 26.02 -1.71
CA ASN A 293 -40.04 27.03 -0.73
C ASN A 293 -41.13 28.08 -0.49
N GLU A 294 -42.28 27.94 -1.16
CA GLU A 294 -43.32 29.00 -1.31
C GLU A 294 -44.12 29.09 0.00
N ASN A 295 -43.86 30.13 0.81
CA ASN A 295 -44.56 30.40 2.10
C ASN A 295 -44.14 29.35 3.15
N LEU A 296 -42.85 29.03 3.23
CA LEU A 296 -42.26 28.03 4.18
C LEU A 296 -40.94 28.60 4.72
N TYR A 297 -40.63 28.36 6.00
CA TYR A 297 -39.35 28.74 6.64
C TYR A 297 -38.29 27.65 6.35
N PHE A 298 -37.28 27.96 5.52
CA PHE A 298 -36.25 27.01 5.01
C PHE A 298 -34.84 27.34 5.56
N GLN A 299 -34.72 28.23 6.57
CA GLN A 299 -33.44 28.68 7.21
C GLN A 299 -33.35 28.15 8.65
N MET B 30 -23.98 18.99 -30.41
CA MET B 30 -25.11 18.02 -30.36
C MET B 30 -24.91 17.08 -29.16
N PHE B 31 -24.97 17.60 -27.92
CA PHE B 31 -24.67 16.85 -26.66
C PHE B 31 -25.96 16.31 -26.05
N ASP B 32 -25.96 15.05 -25.63
CA ASP B 32 -27.21 14.32 -25.29
C ASP B 32 -27.10 13.75 -23.87
N PRO B 33 -27.77 14.33 -22.87
CA PRO B 33 -27.72 13.79 -21.51
C PRO B 33 -28.26 12.35 -21.35
N ALA B 34 -28.95 11.82 -22.36
CA ALA B 34 -29.56 10.46 -22.31
C ALA B 34 -28.81 9.52 -23.26
N GLU B 35 -27.59 9.88 -23.66
CA GLU B 35 -26.78 9.06 -24.61
C GLU B 35 -26.56 7.69 -23.99
N LYS B 36 -26.80 6.63 -24.80
CA LYS B 36 -26.62 5.20 -24.44
C LYS B 36 -25.47 4.63 -25.27
N TYR B 37 -24.67 3.75 -24.67
CA TYR B 37 -23.74 2.87 -25.41
C TYR B 37 -24.55 2.22 -26.54
N LYS B 38 -23.93 2.09 -27.72
CA LYS B 38 -24.49 1.31 -28.86
C LYS B 38 -24.55 -0.16 -28.46
N MET B 39 -25.76 -0.71 -28.39
CA MET B 39 -25.98 -2.13 -28.01
C MET B 39 -26.79 -2.84 -29.10
N ASP B 40 -26.51 -2.51 -30.38
CA ASP B 40 -27.22 -2.98 -31.60
C ASP B 40 -26.24 -3.75 -32.52
N HIS B 41 -25.12 -4.26 -32.01
CA HIS B 41 -24.16 -5.14 -32.74
C HIS B 41 -24.81 -6.52 -32.98
N ARG B 42 -24.23 -7.35 -33.83
CA ARG B 42 -24.80 -8.68 -34.17
C ARG B 42 -24.96 -9.52 -32.89
N ARG B 43 -23.90 -9.61 -32.07
CA ARG B 43 -23.90 -10.41 -30.81
C ARG B 43 -23.76 -9.46 -29.60
N ARG B 44 -24.25 -9.89 -28.43
CA ARG B 44 -24.09 -9.15 -27.15
C ARG B 44 -22.60 -9.14 -26.76
N GLY B 45 -21.97 -10.32 -26.77
CA GLY B 45 -20.56 -10.49 -26.39
C GLY B 45 -20.33 -11.68 -25.47
N ILE B 46 -19.08 -11.82 -25.03
CA ILE B 46 -18.64 -12.92 -24.14
C ILE B 46 -18.78 -12.50 -22.69
N ALA B 47 -19.20 -13.42 -21.82
CA ALA B 47 -19.07 -13.31 -20.35
C ALA B 47 -18.15 -14.43 -19.88
N LEU B 48 -16.88 -14.13 -19.57
CA LEU B 48 -15.97 -15.06 -18.85
C LEU B 48 -16.44 -15.18 -17.41
N ILE B 49 -16.38 -16.39 -16.85
CA ILE B 49 -16.53 -16.64 -15.39
C ILE B 49 -15.38 -17.54 -14.95
N PHE B 50 -14.40 -17.01 -14.25
CA PHE B 50 -13.38 -17.80 -13.55
C PHE B 50 -13.90 -18.17 -12.16
N ASN B 51 -14.11 -19.46 -11.93
CA ASN B 51 -14.79 -19.99 -10.73
C ASN B 51 -13.80 -20.84 -9.94
N HIS B 52 -13.55 -20.46 -8.68
CA HIS B 52 -12.50 -21.06 -7.82
C HIS B 52 -13.11 -21.58 -6.52
N GLU B 53 -13.13 -22.92 -6.38
CA GLU B 53 -13.71 -23.66 -5.23
C GLU B 53 -12.59 -24.10 -4.27
N ARG B 54 -11.47 -24.57 -4.80
CA ARG B 54 -10.33 -25.15 -4.05
C ARG B 54 -9.04 -24.46 -4.49
N PHE B 55 -8.01 -24.60 -3.66
CA PHE B 55 -6.69 -23.93 -3.85
C PHE B 55 -5.57 -24.91 -3.52
N PHE B 56 -4.47 -24.81 -4.25
CA PHE B 56 -3.18 -25.46 -3.94
C PHE B 56 -2.97 -25.47 -2.41
N TRP B 57 -2.58 -26.62 -1.84
CA TRP B 57 -2.46 -26.79 -0.36
C TRP B 57 -1.66 -25.60 0.22
N HIS B 58 -0.48 -25.30 -0.35
CA HIS B 58 0.54 -24.41 0.28
C HIS B 58 0.09 -22.94 0.29
N LEU B 59 -1.12 -22.64 -0.17
CA LEU B 59 -1.73 -21.29 -0.10
C LEU B 59 -2.53 -21.14 1.20
N THR B 60 -2.91 -22.26 1.84
CA THR B 60 -3.67 -22.25 3.12
C THR B 60 -4.92 -21.37 2.94
N LEU B 61 -5.72 -21.65 1.92
CA LEU B 61 -7.01 -20.96 1.63
C LEU B 61 -8.12 -21.99 1.72
N PRO B 62 -9.26 -21.66 2.34
CA PRO B 62 -10.36 -22.62 2.47
C PRO B 62 -11.17 -22.85 1.19
N GLU B 63 -11.74 -24.05 1.05
CA GLU B 63 -12.80 -24.37 0.07
C GLU B 63 -13.81 -23.23 0.07
N ARG B 64 -14.26 -22.80 -1.10
CA ARG B 64 -15.35 -21.81 -1.24
C ARG B 64 -16.63 -22.59 -1.59
N ARG B 65 -17.11 -23.45 -0.68
CA ARG B 65 -18.33 -24.27 -0.87
C ARG B 65 -19.51 -23.33 -1.17
N GLY B 66 -20.16 -23.50 -2.32
CA GLY B 66 -21.32 -22.70 -2.76
C GLY B 66 -21.04 -21.91 -4.04
N THR B 67 -19.76 -21.80 -4.42
CA THR B 67 -19.32 -20.98 -5.58
C THR B 67 -19.90 -21.56 -6.89
N CYS B 68 -20.33 -22.82 -6.89
CA CYS B 68 -20.92 -23.46 -8.11
C CYS B 68 -22.36 -22.97 -8.30
N ALA B 69 -23.08 -22.70 -7.22
CA ALA B 69 -24.41 -22.05 -7.30
C ALA B 69 -24.24 -20.69 -7.99
N ASP B 70 -23.23 -19.92 -7.55
CA ASP B 70 -22.90 -18.58 -8.09
C ASP B 70 -22.64 -18.73 -9.59
N ARG B 71 -21.72 -19.60 -9.98
CA ARG B 71 -21.33 -19.83 -11.39
C ARG B 71 -22.57 -20.18 -12.23
N ASP B 72 -23.47 -21.04 -11.74
CA ASP B 72 -24.64 -21.53 -12.49
C ASP B 72 -25.69 -20.40 -12.58
N ASN B 73 -25.96 -19.72 -11.46
CA ASN B 73 -26.93 -18.58 -11.39
C ASN B 73 -26.45 -17.50 -12.39
N LEU B 74 -25.17 -17.14 -12.36
CA LEU B 74 -24.63 -16.11 -13.27
C LEU B 74 -24.78 -16.61 -14.70
N THR B 75 -24.38 -17.86 -14.96
CA THR B 75 -24.41 -18.45 -16.32
C THR B 75 -25.81 -18.30 -16.91
N ARG B 76 -26.83 -18.62 -16.10
CA ARG B 76 -28.24 -18.53 -16.56
C ARG B 76 -28.54 -17.07 -16.92
N ARG B 77 -28.30 -16.11 -16.01
CA ARG B 77 -28.82 -14.73 -16.16
C ARG B 77 -28.09 -13.98 -17.28
N PHE B 78 -26.80 -14.23 -17.43
CA PHE B 78 -25.97 -13.61 -18.49
C PHE B 78 -26.34 -14.22 -19.85
N SER B 79 -26.67 -15.52 -19.89
CA SER B 79 -27.18 -16.18 -21.12
C SER B 79 -28.45 -15.48 -21.56
N ASP B 80 -29.41 -15.30 -20.66
CA ASP B 80 -30.76 -14.77 -20.96
C ASP B 80 -30.63 -13.31 -21.44
N LEU B 81 -29.50 -12.65 -21.22
CA LEU B 81 -29.24 -11.27 -21.72
C LEU B 81 -28.46 -11.31 -23.04
N GLY B 82 -28.11 -12.50 -23.51
CA GLY B 82 -27.57 -12.71 -24.86
C GLY B 82 -26.07 -12.97 -24.87
N PHE B 83 -25.46 -13.16 -23.70
CA PHE B 83 -24.00 -13.38 -23.62
C PHE B 83 -23.67 -14.84 -23.98
N GLU B 84 -22.56 -15.02 -24.69
CA GLU B 84 -21.87 -16.33 -24.83
C GLU B 84 -21.10 -16.53 -23.52
N VAL B 85 -21.66 -17.28 -22.56
CA VAL B 85 -21.01 -17.47 -21.23
C VAL B 85 -19.96 -18.55 -21.36
N LYS B 86 -18.72 -18.30 -20.94
CA LYS B 86 -17.65 -19.32 -20.91
C LYS B 86 -17.11 -19.45 -19.49
N CYS B 87 -17.37 -20.58 -18.82
CA CYS B 87 -16.94 -20.83 -17.41
C CYS B 87 -15.63 -21.61 -17.42
N PHE B 88 -14.75 -21.36 -16.45
CA PHE B 88 -13.51 -22.13 -16.21
C PHE B 88 -13.33 -22.36 -14.71
N ASN B 89 -13.16 -23.63 -14.33
CA ASN B 89 -13.08 -24.05 -12.90
C ASN B 89 -11.62 -24.29 -12.53
N ASP B 90 -11.14 -23.56 -11.52
CA ASP B 90 -9.90 -23.88 -10.77
C ASP B 90 -8.69 -23.89 -11.70
N LEU B 91 -8.60 -22.90 -12.59
CA LEU B 91 -7.42 -22.68 -13.47
C LEU B 91 -6.22 -22.26 -12.62
N LYS B 92 -5.05 -22.80 -12.92
CA LYS B 92 -3.75 -22.27 -12.43
C LYS B 92 -3.48 -20.95 -13.15
N ALA B 93 -2.64 -20.10 -12.56
CA ALA B 93 -2.31 -18.75 -13.06
C ALA B 93 -1.99 -18.81 -14.56
N GLU B 94 -1.11 -19.71 -14.96
CA GLU B 94 -0.68 -19.84 -16.37
C GLU B 94 -1.89 -20.09 -17.26
N GLU B 95 -2.76 -21.05 -16.90
CA GLU B 95 -3.94 -21.41 -17.73
C GLU B 95 -4.86 -20.18 -17.81
N LEU B 96 -5.05 -19.48 -16.70
CA LEU B 96 -6.03 -18.38 -16.57
C LEU B 96 -5.56 -17.23 -17.47
N LEU B 97 -4.31 -16.82 -17.31
CA LEU B 97 -3.68 -15.79 -18.16
C LEU B 97 -3.80 -16.17 -19.63
N LEU B 98 -3.58 -17.43 -20.01
CA LEU B 98 -3.74 -17.85 -21.42
C LEU B 98 -5.18 -17.64 -21.86
N LYS B 99 -6.19 -18.09 -21.10
CA LYS B 99 -7.60 -18.03 -21.56
C LYS B 99 -8.01 -16.58 -21.71
N ILE B 100 -7.61 -15.73 -20.77
CA ILE B 100 -8.11 -14.33 -20.73
C ILE B 100 -7.36 -13.54 -21.81
N HIS B 101 -6.10 -13.85 -22.07
CA HIS B 101 -5.30 -13.22 -23.15
C HIS B 101 -5.87 -13.64 -24.51
N GLU B 102 -6.17 -14.93 -24.70
CA GLU B 102 -6.88 -15.47 -25.89
C GLU B 102 -8.06 -14.55 -26.16
N VAL B 103 -8.94 -14.40 -25.17
CA VAL B 103 -10.23 -13.67 -25.30
C VAL B 103 -9.96 -12.20 -25.59
N SER B 104 -8.86 -11.66 -25.11
CA SER B 104 -8.53 -10.22 -25.30
C SER B 104 -8.09 -9.95 -26.74
N THR B 105 -7.58 -10.95 -27.48
CA THR B 105 -6.86 -10.77 -28.79
C THR B 105 -7.69 -11.30 -29.97
N VAL B 106 -8.65 -12.18 -29.73
CA VAL B 106 -9.82 -12.43 -30.61
C VAL B 106 -10.49 -11.09 -30.90
N SER B 107 -11.28 -11.00 -31.98
CA SER B 107 -12.05 -9.77 -32.36
C SER B 107 -13.39 -9.72 -31.62
N HIS B 108 -13.73 -8.55 -31.05
CA HIS B 108 -15.05 -8.23 -30.45
C HIS B 108 -15.82 -7.22 -31.31
N ALA B 109 -15.37 -7.02 -32.55
CA ALA B 109 -15.88 -5.97 -33.47
C ALA B 109 -17.41 -6.04 -33.57
N ASP B 110 -17.98 -7.24 -33.60
CA ASP B 110 -19.43 -7.45 -33.81
C ASP B 110 -20.16 -7.63 -32.48
N ALA B 111 -19.55 -7.19 -31.37
CA ALA B 111 -20.08 -7.40 -30.00
C ALA B 111 -20.42 -6.07 -29.34
N ASP B 112 -21.45 -6.08 -28.50
CA ASP B 112 -21.89 -4.88 -27.72
C ASP B 112 -20.89 -4.56 -26.61
N CYS B 113 -20.43 -5.58 -25.90
CA CYS B 113 -19.62 -5.39 -24.67
C CYS B 113 -18.89 -6.67 -24.27
N PHE B 114 -18.26 -6.63 -23.10
CA PHE B 114 -17.48 -7.73 -22.50
C PHE B 114 -17.71 -7.74 -21.00
N VAL B 115 -18.03 -8.91 -20.47
CA VAL B 115 -18.22 -9.17 -19.02
C VAL B 115 -17.20 -10.20 -18.59
N CYS B 116 -16.53 -9.94 -17.48
CA CYS B 116 -15.58 -10.90 -16.89
C CYS B 116 -15.90 -11.00 -15.40
N VAL B 117 -16.08 -12.22 -14.89
CA VAL B 117 -16.42 -12.46 -13.46
C VAL B 117 -15.33 -13.31 -12.81
N PHE B 118 -14.91 -12.90 -11.62
CA PHE B 118 -14.03 -13.68 -10.72
C PHE B 118 -14.82 -14.06 -9.47
N LEU B 119 -14.82 -15.35 -9.18
CA LEU B 119 -15.34 -15.96 -7.94
C LEU B 119 -14.15 -16.68 -7.29
N SER B 120 -13.48 -16.03 -6.37
CA SER B 120 -12.27 -16.59 -5.72
C SER B 120 -12.00 -15.89 -4.40
N HIS B 121 -10.84 -16.15 -3.83
CA HIS B 121 -10.25 -15.31 -2.75
C HIS B 121 -9.45 -14.21 -3.43
N GLY B 122 -9.13 -13.16 -2.70
CA GLY B 122 -8.28 -12.05 -3.17
C GLY B 122 -7.71 -11.29 -2.01
N GLU B 123 -6.79 -10.37 -2.29
CA GLU B 123 -6.08 -9.51 -1.32
C GLU B 123 -5.60 -8.30 -2.13
N GLY B 124 -5.91 -7.09 -1.69
CA GLY B 124 -5.36 -5.84 -2.26
C GLY B 124 -5.74 -5.74 -3.71
N ASN B 125 -4.76 -5.71 -4.61
CA ASN B 125 -5.03 -5.62 -6.06
C ASN B 125 -4.82 -6.99 -6.71
N HIS B 126 -5.05 -8.07 -5.98
CA HIS B 126 -4.85 -9.46 -6.46
C HIS B 126 -6.11 -10.30 -6.32
N ILE B 127 -6.31 -11.19 -7.27
CA ILE B 127 -7.30 -12.29 -7.21
C ILE B 127 -6.47 -13.56 -7.09
N TYR B 128 -7.00 -14.60 -6.43
CA TYR B 128 -6.33 -15.91 -6.39
C TYR B 128 -6.85 -16.77 -7.55
N ALA B 129 -5.90 -17.23 -8.37
CA ALA B 129 -6.02 -18.46 -9.16
C ALA B 129 -5.82 -19.64 -8.20
N TYR B 130 -5.79 -20.87 -8.71
CA TYR B 130 -5.62 -22.10 -7.91
C TYR B 130 -4.27 -22.06 -7.16
N ASP B 131 -3.21 -21.61 -7.82
CA ASP B 131 -1.82 -21.84 -7.35
C ASP B 131 -1.13 -20.54 -6.93
N ALA B 132 -1.63 -19.38 -7.33
CA ALA B 132 -0.95 -18.09 -7.03
C ALA B 132 -1.88 -16.91 -7.29
N LYS B 133 -1.45 -15.74 -6.81
CA LYS B 133 -2.24 -14.51 -6.96
C LYS B 133 -1.87 -13.87 -8.30
N ILE B 134 -2.86 -13.18 -8.87
CA ILE B 134 -2.72 -12.40 -10.12
C ILE B 134 -3.16 -10.96 -9.85
N GLU B 135 -2.38 -10.01 -10.33
CA GLU B 135 -2.64 -8.56 -10.27
C GLU B 135 -3.88 -8.26 -11.13
N ILE B 136 -4.94 -7.75 -10.53
CA ILE B 136 -6.21 -7.40 -11.26
C ILE B 136 -5.91 -6.44 -12.42
N GLN B 137 -5.03 -5.46 -12.24
CA GLN B 137 -4.67 -4.44 -13.27
C GLN B 137 -4.18 -5.14 -14.54
N THR B 138 -3.46 -6.27 -14.44
CA THR B 138 -2.93 -6.94 -15.65
C THR B 138 -4.10 -7.61 -16.39
N LEU B 139 -5.15 -8.02 -15.69
CA LEU B 139 -6.32 -8.66 -16.34
C LEU B 139 -7.19 -7.60 -17.01
N THR B 140 -7.51 -6.50 -16.33
CA THR B 140 -8.33 -5.41 -16.92
C THR B 140 -7.51 -4.73 -18.00
N GLY B 141 -6.19 -4.68 -17.84
CA GLY B 141 -5.25 -4.03 -18.78
C GLY B 141 -5.35 -4.60 -20.19
N LEU B 142 -5.70 -5.88 -20.31
CA LEU B 142 -5.74 -6.61 -21.59
C LEU B 142 -6.88 -6.08 -22.46
N PHE B 143 -7.88 -5.42 -21.86
CA PHE B 143 -9.10 -4.94 -22.57
C PHE B 143 -9.12 -3.41 -22.67
N LYS B 144 -8.08 -2.72 -22.19
CA LYS B 144 -7.92 -1.24 -22.32
C LYS B 144 -7.77 -0.92 -23.80
N GLY B 145 -8.38 0.18 -24.26
CA GLY B 145 -8.28 0.71 -25.64
C GLY B 145 -6.98 0.33 -26.34
N ASP B 146 -5.83 0.67 -25.76
CA ASP B 146 -4.49 0.41 -26.33
C ASP B 146 -4.44 -1.02 -26.93
N LYS B 147 -4.82 -2.04 -26.13
CA LYS B 147 -4.44 -3.46 -26.33
C LYS B 147 -5.58 -4.26 -26.97
N CYS B 148 -6.80 -3.72 -27.07
CA CYS B 148 -7.99 -4.46 -27.56
C CYS B 148 -8.93 -3.50 -28.29
N HIS B 149 -8.66 -3.24 -29.58
CA HIS B 149 -9.24 -2.12 -30.38
C HIS B 149 -10.76 -2.38 -30.56
N SER B 150 -11.14 -3.63 -30.78
CA SER B 150 -12.53 -4.06 -31.05
C SER B 150 -13.47 -3.75 -29.88
N LEU B 151 -12.95 -3.36 -28.70
CA LEU B 151 -13.76 -3.08 -27.47
C LEU B 151 -13.66 -1.59 -27.09
N VAL B 152 -12.87 -0.80 -27.81
CA VAL B 152 -12.79 0.66 -27.54
C VAL B 152 -14.20 1.26 -27.63
N GLY B 153 -14.59 2.04 -26.63
CA GLY B 153 -15.88 2.75 -26.57
C GLY B 153 -17.04 1.81 -26.29
N LYS B 154 -16.74 0.54 -26.01
CA LYS B 154 -17.76 -0.45 -25.56
C LYS B 154 -17.58 -0.67 -24.06
N PRO B 155 -18.67 -0.89 -23.30
CA PRO B 155 -18.55 -1.14 -21.87
C PRO B 155 -17.80 -2.44 -21.58
N LYS B 156 -16.89 -2.42 -20.59
CA LYS B 156 -16.15 -3.61 -20.10
C LYS B 156 -16.46 -3.75 -18.61
N ILE B 157 -17.31 -4.71 -18.25
CA ILE B 157 -17.83 -4.91 -16.87
C ILE B 157 -17.05 -6.03 -16.22
N PHE B 158 -16.37 -5.77 -15.10
CA PHE B 158 -15.80 -6.81 -14.22
C PHE B 158 -16.63 -6.91 -12.94
N ILE B 159 -17.01 -8.12 -12.57
CA ILE B 159 -17.73 -8.43 -11.31
C ILE B 159 -16.82 -9.29 -10.45
N ILE B 160 -16.55 -8.87 -9.22
CA ILE B 160 -15.50 -9.53 -8.38
C ILE B 160 -16.10 -9.89 -7.03
N GLN B 161 -16.30 -11.18 -6.83
CA GLN B 161 -16.73 -11.79 -5.56
C GLN B 161 -15.47 -12.44 -5.01
N ALA B 162 -14.68 -11.66 -4.29
CA ALA B 162 -13.40 -12.11 -3.70
C ALA B 162 -13.16 -11.38 -2.39
N ALA B 163 -12.74 -12.14 -1.39
CA ALA B 163 -12.43 -11.65 -0.03
C ALA B 163 -11.30 -12.50 0.57
N ARG B 164 -10.99 -12.30 1.85
CA ARG B 164 -9.87 -12.97 2.57
C ARG B 164 -10.36 -14.35 3.05
N GLY B 165 -9.69 -15.43 2.65
CA GLY B 165 -10.06 -16.76 3.18
C GLY B 165 -9.76 -16.90 4.66
N ASN B 166 -10.78 -16.82 5.53
CA ASN B 166 -10.62 -16.60 7.00
C ASN B 166 -9.89 -17.79 7.68
N GLN B 167 -10.33 -19.03 7.42
CA GLN B 167 -9.96 -20.28 8.15
C GLN B 167 -10.53 -20.17 9.56
N THR B 187 -27.05 -28.19 6.90
CA THR B 187 -26.61 -28.45 5.51
C THR B 187 -26.13 -27.14 4.85
N ASN B 188 -26.94 -26.07 4.91
CA ASN B 188 -26.68 -24.73 4.30
C ASN B 188 -26.22 -23.76 5.39
N ILE B 189 -24.91 -23.77 5.67
CA ILE B 189 -24.21 -22.85 6.62
C ILE B 189 -23.88 -21.55 5.88
N THR B 190 -23.93 -20.39 6.55
CA THR B 190 -23.47 -19.10 6.01
C THR B 190 -22.04 -18.84 6.48
N GLU B 191 -21.04 -18.86 5.57
CA GLU B 191 -19.64 -18.49 5.91
C GLU B 191 -19.45 -17.00 5.63
N VAL B 192 -18.59 -16.35 6.40
CA VAL B 192 -18.37 -14.88 6.31
C VAL B 192 -16.87 -14.58 6.24
N ASP B 193 -16.48 -13.74 5.28
CA ASP B 193 -15.07 -13.34 5.00
C ASP B 193 -14.96 -11.83 5.19
N ALA B 194 -13.80 -11.37 5.64
CA ALA B 194 -13.48 -9.92 5.72
C ALA B 194 -13.23 -9.40 4.32
N ALA B 195 -13.72 -8.20 3.98
CA ALA B 195 -13.33 -7.52 2.72
C ALA B 195 -11.80 -7.43 2.64
N SER B 196 -11.23 -7.64 1.46
CA SER B 196 -9.77 -7.63 1.26
C SER B 196 -9.35 -6.96 -0.06
N VAL B 197 -10.21 -6.96 -1.08
CA VAL B 197 -9.82 -6.58 -2.46
C VAL B 197 -10.15 -5.09 -2.65
N TYR B 198 -9.12 -4.30 -2.96
CA TYR B 198 -9.26 -2.85 -3.23
C TYR B 198 -10.32 -2.68 -4.32
N THR B 199 -11.25 -1.76 -4.10
CA THR B 199 -12.42 -1.54 -4.99
C THR B 199 -12.00 -0.53 -6.07
N LEU B 200 -11.00 -0.93 -6.87
CA LEU B 200 -10.34 0.04 -7.79
C LEU B 200 -11.22 0.22 -9.02
N PRO B 201 -11.07 1.37 -9.71
CA PRO B 201 -11.61 1.56 -11.05
C PRO B 201 -10.58 0.96 -12.02
N ALA B 202 -10.85 0.90 -13.32
CA ALA B 202 -9.87 0.39 -14.31
C ALA B 202 -9.46 1.49 -15.29
N GLY B 203 -10.21 1.67 -16.37
CA GLY B 203 -10.00 2.78 -17.33
C GLY B 203 -11.29 3.23 -17.98
N ALA B 204 -11.22 4.12 -18.96
CA ALA B 204 -12.41 4.62 -19.68
C ALA B 204 -13.27 3.44 -20.09
N ASP B 205 -14.56 3.52 -19.78
CA ASP B 205 -15.60 2.63 -20.34
C ASP B 205 -15.56 1.28 -19.63
N PHE B 206 -14.82 1.17 -18.52
CA PHE B 206 -14.94 0.03 -17.59
C PHE B 206 -15.94 0.34 -16.45
N LEU B 207 -16.53 -0.74 -15.91
CA LEU B 207 -17.37 -0.70 -14.69
C LEU B 207 -16.91 -1.84 -13.78
N MET B 208 -16.24 -1.52 -12.67
CA MET B 208 -15.75 -2.53 -11.71
C MET B 208 -16.79 -2.67 -10.60
N CYS B 209 -17.30 -3.89 -10.43
CA CYS B 209 -18.38 -4.25 -9.48
C CYS B 209 -17.80 -5.16 -8.40
N TYR B 210 -18.01 -4.84 -7.13
CA TYR B 210 -17.39 -5.53 -5.96
C TYR B 210 -18.48 -6.01 -4.98
N SER B 211 -18.42 -7.28 -4.60
CA SER B 211 -19.25 -7.95 -3.55
C SER B 211 -19.28 -7.14 -2.25
N VAL B 212 -18.20 -6.43 -1.90
CA VAL B 212 -18.04 -5.86 -0.54
C VAL B 212 -17.00 -4.76 -0.56
N ALA B 213 -17.22 -3.70 0.22
CA ALA B 213 -16.32 -2.55 0.39
C ALA B 213 -15.44 -2.71 1.64
N GLU B 214 -14.38 -1.90 1.77
CA GLU B 214 -13.46 -1.89 2.95
C GLU B 214 -14.29 -1.79 4.23
N GLY B 215 -13.91 -2.58 5.25
CA GLY B 215 -14.53 -2.54 6.58
C GLY B 215 -15.81 -3.35 6.66
N TYR B 216 -16.37 -3.83 5.55
CA TYR B 216 -17.58 -4.69 5.58
C TYR B 216 -17.15 -6.16 5.44
N TYR B 217 -18.13 -7.06 5.39
CA TYR B 217 -17.91 -8.53 5.37
C TYR B 217 -18.74 -9.13 4.22
N SER B 218 -18.23 -10.19 3.61
CA SER B 218 -18.83 -10.85 2.44
C SER B 218 -19.33 -12.23 2.88
N HIS B 219 -20.57 -12.56 2.54
CA HIS B 219 -21.31 -13.76 2.99
C HIS B 219 -21.47 -14.75 1.82
N ARG B 220 -21.22 -16.03 2.06
CA ARG B 220 -21.56 -17.13 1.12
C ARG B 220 -22.29 -18.25 1.88
N GLU B 221 -23.49 -18.60 1.39
CA GLU B 221 -24.29 -19.78 1.83
C GLU B 221 -23.71 -20.98 1.07
N THR B 222 -23.49 -22.13 1.73
CA THR B 222 -22.72 -23.27 1.14
C THR B 222 -23.52 -23.99 0.07
N VAL B 223 -24.84 -23.76 -0.01
CA VAL B 223 -25.72 -24.36 -1.06
C VAL B 223 -26.25 -23.25 -1.97
N ASN B 224 -26.75 -22.15 -1.42
CA ASN B 224 -27.43 -21.07 -2.18
C ASN B 224 -26.42 -20.11 -2.84
N GLY B 225 -25.19 -20.04 -2.33
CA GLY B 225 -24.11 -19.17 -2.87
C GLY B 225 -24.01 -17.82 -2.18
N SER B 226 -23.16 -16.96 -2.73
CA SER B 226 -22.80 -15.63 -2.18
C SER B 226 -24.04 -14.72 -2.14
N TRP B 227 -24.19 -13.95 -1.06
CA TRP B 227 -25.28 -12.96 -0.93
C TRP B 227 -25.26 -12.05 -2.15
N TYR B 228 -24.09 -11.52 -2.50
CA TYR B 228 -23.92 -10.52 -3.57
C TYR B 228 -24.42 -11.12 -4.89
N ILE B 229 -24.01 -12.36 -5.19
CA ILE B 229 -24.34 -13.02 -6.48
C ILE B 229 -25.84 -13.36 -6.51
N GLN B 230 -26.38 -13.86 -5.40
CA GLN B 230 -27.82 -14.16 -5.30
C GLN B 230 -28.58 -12.91 -5.69
N ASP B 231 -28.23 -11.78 -5.07
CA ASP B 231 -28.99 -10.51 -5.20
C ASP B 231 -28.72 -9.92 -6.59
N LEU B 232 -27.48 -9.96 -7.06
CA LEU B 232 -27.18 -9.53 -8.45
C LEU B 232 -28.03 -10.36 -9.42
N CYS B 233 -28.04 -11.68 -9.27
CA CYS B 233 -28.73 -12.60 -10.21
C CYS B 233 -30.25 -12.42 -10.10
N GLU B 234 -30.79 -12.16 -8.91
CA GLU B 234 -32.25 -11.89 -8.77
C GLU B 234 -32.58 -10.63 -9.57
N MET B 235 -31.77 -9.59 -9.40
CA MET B 235 -32.02 -8.28 -10.07
C MET B 235 -31.83 -8.46 -11.58
N LEU B 236 -30.84 -9.21 -12.05
CA LEU B 236 -30.64 -9.48 -13.50
C LEU B 236 -31.90 -10.14 -14.07
N GLY B 237 -32.43 -11.16 -13.37
CA GLY B 237 -33.67 -11.87 -13.75
C GLY B 237 -34.87 -10.94 -13.89
N LYS B 238 -35.19 -10.17 -12.86
CA LYS B 238 -36.38 -9.28 -12.89
C LYS B 238 -36.16 -8.10 -13.84
N TYR B 239 -35.00 -7.44 -13.79
CA TYR B 239 -34.81 -6.07 -14.35
C TYR B 239 -33.64 -5.99 -15.34
N GLY B 240 -32.88 -7.07 -15.55
CA GLY B 240 -31.71 -7.05 -16.45
C GLY B 240 -32.01 -6.33 -17.75
N SER B 241 -33.15 -6.67 -18.37
CA SER B 241 -33.54 -6.30 -19.75
C SER B 241 -34.24 -4.93 -19.83
N SER B 242 -34.60 -4.31 -18.71
CA SER B 242 -35.30 -2.97 -18.68
C SER B 242 -34.38 -1.88 -18.11
N LEU B 243 -33.72 -2.12 -16.98
CA LEU B 243 -33.04 -1.06 -16.17
C LEU B 243 -31.62 -0.81 -16.67
N GLU B 244 -31.17 0.43 -16.50
CA GLU B 244 -29.76 0.85 -16.72
C GLU B 244 -28.87 0.11 -15.70
N PHE B 245 -27.68 -0.33 -16.09
CA PHE B 245 -26.98 -1.39 -15.33
C PHE B 245 -26.52 -0.84 -13.98
N THR B 246 -26.10 0.43 -13.91
CA THR B 246 -25.71 1.06 -12.64
C THR B 246 -26.96 1.24 -11.76
N GLU B 247 -28.14 1.54 -12.35
CA GLU B 247 -29.45 1.58 -11.61
C GLU B 247 -29.63 0.25 -10.87
N LEU B 248 -29.36 -0.85 -11.57
CA LEU B 248 -29.55 -2.24 -11.12
C LEU B 248 -28.56 -2.54 -10.02
N LEU B 249 -27.27 -2.25 -10.24
CA LEU B 249 -26.20 -2.45 -9.22
C LEU B 249 -26.56 -1.70 -7.93
N THR B 250 -27.29 -0.59 -8.05
CA THR B 250 -27.73 0.22 -6.88
C THR B 250 -28.80 -0.56 -6.13
N LEU B 251 -29.72 -1.21 -6.86
CA LEU B 251 -30.70 -2.14 -6.25
C LEU B 251 -29.94 -3.24 -5.49
N VAL B 252 -28.89 -3.77 -6.08
CA VAL B 252 -28.08 -4.85 -5.44
C VAL B 252 -27.46 -4.31 -4.15
N ASN B 253 -27.02 -3.05 -4.16
CA ASN B 253 -26.44 -2.43 -2.94
C ASN B 253 -27.53 -2.37 -1.88
N ARG B 254 -28.74 -1.93 -2.25
CA ARG B 254 -29.86 -1.84 -1.28
C ARG B 254 -30.11 -3.26 -0.74
N LYS B 255 -30.31 -4.22 -1.63
CA LYS B 255 -30.74 -5.60 -1.26
C LYS B 255 -29.74 -6.18 -0.29
N VAL B 256 -28.44 -6.11 -0.61
CA VAL B 256 -27.37 -6.76 0.19
C VAL B 256 -27.23 -6.00 1.52
N SER B 257 -27.29 -4.67 1.50
CA SER B 257 -27.11 -3.83 2.71
C SER B 257 -28.23 -4.16 3.71
N GLN B 258 -29.43 -4.43 3.20
CA GLN B 258 -30.64 -4.72 4.02
C GLN B 258 -30.69 -6.18 4.49
N ARG B 259 -29.74 -7.05 4.16
CA ARG B 259 -29.75 -8.42 4.74
C ARG B 259 -29.40 -8.27 6.22
N ARG B 260 -30.30 -8.70 7.12
CA ARG B 260 -30.09 -8.49 8.59
C ARG B 260 -29.05 -9.49 9.06
N VAL B 261 -28.20 -9.06 10.00
CA VAL B 261 -27.06 -9.86 10.54
C VAL B 261 -27.02 -9.72 12.08
N ASP B 262 -28.21 -9.59 12.70
CA ASP B 262 -28.38 -9.43 14.18
C ASP B 262 -28.61 -10.81 14.83
N PHE B 263 -29.48 -11.67 14.28
CA PHE B 263 -29.73 -13.04 14.78
C PHE B 263 -29.09 -14.07 13.84
N CYS B 264 -27.89 -14.56 14.18
CA CYS B 264 -27.02 -15.45 13.35
C CYS B 264 -26.69 -16.73 14.12
N LYS B 265 -26.66 -17.89 13.46
CA LYS B 265 -26.40 -19.21 14.11
C LYS B 265 -25.01 -19.21 14.77
N ASP B 266 -24.01 -18.55 14.18
CA ASP B 266 -22.70 -18.29 14.84
C ASP B 266 -22.84 -16.98 15.64
N PRO B 267 -22.40 -16.93 16.92
CA PRO B 267 -22.32 -15.68 17.67
C PRO B 267 -21.39 -14.61 17.04
N SER B 268 -20.17 -15.01 16.64
CA SER B 268 -19.09 -14.12 16.15
C SER B 268 -19.41 -13.54 14.77
N ALA B 269 -20.43 -14.07 14.06
CA ALA B 269 -20.88 -13.59 12.74
C ALA B 269 -21.90 -12.43 12.90
N ILE B 270 -22.38 -12.17 14.11
CA ILE B 270 -23.37 -11.08 14.40
C ILE B 270 -22.66 -9.74 14.21
N GLY B 271 -23.35 -8.77 13.58
CA GLY B 271 -22.89 -7.37 13.44
C GLY B 271 -22.00 -7.15 12.22
N LYS B 272 -21.68 -8.21 11.48
CA LYS B 272 -20.81 -8.17 10.28
C LYS B 272 -21.66 -7.82 9.05
N LYS B 273 -21.95 -6.54 8.79
CA LYS B 273 -22.81 -6.12 7.66
C LYS B 273 -22.05 -6.32 6.34
N GLN B 274 -22.79 -6.46 5.24
CA GLN B 274 -22.21 -6.49 3.87
C GLN B 274 -22.76 -5.30 3.09
N VAL B 275 -21.87 -4.47 2.59
CA VAL B 275 -22.19 -3.36 1.64
C VAL B 275 -21.27 -3.50 0.43
N PRO B 276 -21.85 -3.86 -0.73
CA PRO B 276 -21.09 -3.88 -1.97
C PRO B 276 -20.88 -2.45 -2.47
N CYS B 277 -20.14 -2.31 -3.57
CA CYS B 277 -19.99 -1.02 -4.29
C CYS B 277 -19.63 -1.26 -5.74
N PHE B 278 -19.64 -0.18 -6.53
CA PHE B 278 -19.14 -0.18 -7.92
C PHE B 278 -18.38 1.09 -8.23
N ALA B 279 -17.32 0.94 -9.00
CA ALA B 279 -16.52 2.06 -9.54
C ALA B 279 -16.83 2.18 -11.03
N SER B 280 -17.51 3.26 -11.44
CA SER B 280 -17.96 3.52 -12.84
C SER B 280 -16.99 4.50 -13.47
N MET B 281 -16.40 4.11 -14.59
CA MET B 281 -15.72 5.03 -15.52
C MET B 281 -16.50 4.98 -16.83
N LEU B 282 -17.76 4.55 -16.78
CA LEU B 282 -18.61 4.54 -17.98
C LEU B 282 -18.90 5.99 -18.38
N THR B 283 -19.16 6.22 -19.66
CA THR B 283 -19.35 7.55 -20.26
C THR B 283 -20.76 7.68 -20.83
N LYS B 284 -21.57 6.63 -20.72
CA LYS B 284 -22.95 6.65 -21.26
C LYS B 284 -23.81 5.69 -20.46
N LYS B 285 -25.12 5.73 -20.70
CA LYS B 285 -26.08 4.81 -20.08
C LYS B 285 -25.86 3.43 -20.71
N LEU B 286 -25.99 2.37 -19.90
CA LEU B 286 -25.75 0.96 -20.30
C LEU B 286 -27.04 0.20 -20.09
N HIS B 287 -27.66 -0.26 -21.18
CA HIS B 287 -28.88 -1.11 -21.15
C HIS B 287 -28.59 -2.45 -21.85
N PHE B 288 -29.26 -3.51 -21.39
CA PHE B 288 -29.23 -4.84 -22.06
C PHE B 288 -30.65 -5.16 -22.53
N PHE B 289 -31.23 -4.26 -23.35
CA PHE B 289 -32.57 -4.49 -23.98
C PHE B 289 -32.51 -5.78 -24.80
N PRO B 290 -33.60 -6.57 -24.90
CA PRO B 290 -33.58 -7.79 -25.71
C PRO B 290 -33.07 -7.48 -27.12
N LYS B 291 -32.13 -8.27 -27.66
CA LYS B 291 -31.66 -8.09 -29.06
C LYS B 291 -32.70 -8.76 -29.99
N SER B 292 -33.02 -8.17 -31.15
CA SER B 292 -34.03 -8.76 -32.08
C SER B 292 -33.31 -9.76 -32.99
N ASN B 293 -33.56 -11.04 -32.75
CA ASN B 293 -32.81 -12.22 -33.28
C ASN B 293 -33.63 -12.95 -34.35
N GLU B 294 -34.80 -12.40 -34.71
CA GLU B 294 -35.81 -13.03 -35.59
C GLU B 294 -35.33 -12.97 -37.04
N ASN B 295 -34.86 -14.10 -37.60
CA ASN B 295 -34.36 -14.23 -38.99
C ASN B 295 -33.02 -13.49 -39.15
N LEU B 296 -32.11 -13.66 -38.18
CA LEU B 296 -30.73 -13.10 -38.18
C LEU B 296 -29.75 -14.18 -37.69
N TYR B 297 -28.55 -14.25 -38.28
CA TYR B 297 -27.45 -15.13 -37.81
C TYR B 297 -26.68 -14.42 -36.69
N PHE B 298 -26.81 -14.90 -35.43
CA PHE B 298 -26.26 -14.26 -34.20
C PHE B 298 -25.14 -15.11 -33.55
N GLN B 299 -24.59 -16.13 -34.25
CA GLN B 299 -23.49 -17.03 -33.79
C GLN B 299 -22.20 -16.75 -34.60
N MET C 30 27.40 -13.35 33.55
CA MET C 30 26.11 -13.94 33.16
C MET C 30 25.75 -13.55 31.72
N PHE C 31 25.55 -12.27 31.42
CA PHE C 31 25.23 -11.72 30.07
C PHE C 31 26.51 -11.32 29.33
N ASP C 32 26.62 -11.69 28.05
CA ASP C 32 27.92 -11.70 27.33
C ASP C 32 27.83 -10.86 26.05
N PRO C 33 28.41 -9.65 26.01
CA PRO C 33 28.36 -8.82 24.79
C PRO C 33 29.03 -9.45 23.55
N ALA C 34 29.82 -10.51 23.72
CA ALA C 34 30.57 -11.15 22.62
C ALA C 34 29.97 -12.54 22.33
N GLU C 35 28.73 -12.80 22.77
CA GLU C 35 28.06 -14.09 22.53
C GLU C 35 27.93 -14.28 21.00
N LYS C 36 28.28 -15.48 20.53
CA LYS C 36 28.22 -15.93 19.11
C LYS C 36 27.15 -17.02 19.00
N TYR C 37 26.42 -17.02 17.88
CA TYR C 37 25.58 -18.19 17.50
C TYR C 37 26.48 -19.43 17.59
N LYS C 38 25.93 -20.55 18.08
CA LYS C 38 26.63 -21.86 18.05
C LYS C 38 26.77 -22.33 16.60
N MET C 39 27.99 -22.46 16.12
CA MET C 39 28.28 -22.86 14.72
C MET C 39 29.20 -24.09 14.70
N ASP C 40 28.98 -25.03 15.62
CA ASP C 40 29.79 -26.26 15.85
C ASP C 40 28.93 -27.53 15.65
N HIS C 41 27.80 -27.44 14.93
CA HIS C 41 26.92 -28.59 14.59
C HIS C 41 27.63 -29.48 13.54
N ARG C 42 27.13 -30.68 13.27
CA ARG C 42 27.78 -31.63 12.32
C ARG C 42 27.89 -30.96 10.94
N ARG C 43 26.80 -30.39 10.43
CA ARG C 43 26.74 -29.72 9.10
C ARG C 43 26.53 -28.20 9.28
N ARG C 44 27.01 -27.40 8.33
CA ARG C 44 26.74 -25.93 8.27
C ARG C 44 25.25 -25.70 8.04
N GLY C 45 24.70 -26.37 7.03
CA GLY C 45 23.27 -26.29 6.66
C GLY C 45 23.08 -26.12 5.16
N ILE C 46 21.83 -25.93 4.77
CA ILE C 46 21.39 -25.80 3.36
C ILE C 46 21.43 -24.33 2.94
N ALA C 47 21.86 -24.05 1.72
CA ALA C 47 21.65 -22.78 1.02
C ALA C 47 20.77 -23.06 -0.21
N LEU C 48 19.47 -22.75 -0.16
CA LEU C 48 18.61 -22.71 -1.38
C LEU C 48 18.99 -21.49 -2.22
N ILE C 49 19.01 -21.66 -3.53
CA ILE C 49 19.15 -20.53 -4.50
C ILE C 49 18.08 -20.69 -5.58
N PHE C 50 17.01 -19.91 -5.53
CA PHE C 50 16.01 -19.83 -6.61
C PHE C 50 16.50 -18.79 -7.63
N ASN C 51 16.79 -19.24 -8.84
CA ASN C 51 17.42 -18.45 -9.90
C ASN C 51 16.45 -18.30 -11.07
N HIS C 52 16.08 -17.07 -11.42
CA HIS C 52 15.04 -16.76 -12.44
C HIS C 52 15.64 -15.88 -13.54
N GLU C 53 15.76 -16.44 -14.74
CA GLU C 53 16.33 -15.79 -15.95
C GLU C 53 15.19 -15.33 -16.88
N ARG C 54 14.16 -16.15 -17.04
CA ARG C 54 13.04 -15.94 -18.00
C ARG C 54 11.74 -16.12 -17.24
N PHE C 55 10.66 -15.62 -17.83
CA PHE C 55 9.32 -15.55 -17.21
C PHE C 55 8.28 -15.92 -18.25
N PHE C 56 7.22 -16.59 -17.81
CA PHE C 56 5.99 -16.83 -18.61
C PHE C 56 5.72 -15.61 -19.49
N TRP C 57 5.44 -15.78 -20.79
CA TRP C 57 5.28 -14.66 -21.74
C TRP C 57 4.33 -13.61 -21.13
N HIS C 58 3.16 -14.04 -20.67
CA HIS C 58 2.01 -13.16 -20.34
C HIS C 58 2.27 -12.31 -19.09
N LEU C 59 3.45 -12.41 -18.48
CA LEU C 59 3.89 -11.55 -17.36
C LEU C 59 4.59 -10.29 -17.88
N THR C 60 5.07 -10.31 -19.14
CA THR C 60 5.74 -9.14 -19.77
C THR C 60 6.89 -8.69 -18.86
N LEU C 61 7.77 -9.63 -18.49
CA LEU C 61 8.99 -9.38 -17.69
C LEU C 61 10.19 -9.75 -18.53
N PRO C 62 11.25 -8.91 -18.54
CA PRO C 62 12.41 -9.17 -19.37
C PRO C 62 13.33 -10.28 -18.84
N GLU C 63 14.03 -10.95 -19.75
CA GLU C 63 15.21 -11.81 -19.44
C GLU C 63 16.08 -11.08 -18.42
N ARG C 64 16.56 -11.80 -17.42
CA ARG C 64 17.57 -11.29 -16.46
C ARG C 64 18.92 -11.85 -16.90
N ARG C 65 19.41 -11.45 -18.07
CA ARG C 65 20.71 -11.93 -18.62
C ARG C 65 21.80 -11.60 -17.59
N GLY C 66 22.53 -12.61 -17.11
CA GLY C 66 23.66 -12.49 -16.16
C GLY C 66 23.38 -13.13 -14.81
N THR C 67 22.12 -13.51 -14.55
CA THR C 67 21.66 -14.13 -13.28
C THR C 67 22.37 -15.48 -13.06
N CYS C 68 22.91 -16.10 -14.11
CA CYS C 68 23.61 -17.40 -14.00
C CYS C 68 24.99 -17.17 -13.38
N ALA C 69 25.64 -16.06 -13.67
CA ALA C 69 26.91 -15.69 -13.03
C ALA C 69 26.67 -15.57 -11.52
N ASP C 70 25.58 -14.89 -11.15
CA ASP C 70 25.17 -14.69 -9.75
C ASP C 70 25.01 -16.07 -9.07
N ARG C 71 24.18 -16.93 -9.67
CA ARG C 71 23.88 -18.28 -9.14
C ARG C 71 25.19 -19.07 -8.94
N ASP C 72 26.12 -19.00 -9.91
CA ASP C 72 27.36 -19.81 -9.91
C ASP C 72 28.32 -19.24 -8.87
N ASN C 73 28.49 -17.92 -8.84
CA ASN C 73 29.38 -17.23 -7.88
C ASN C 73 28.90 -17.54 -6.46
N LEU C 74 27.59 -17.42 -6.21
CA LEU C 74 27.04 -17.69 -4.86
C LEU C 74 27.29 -19.17 -4.54
N THR C 75 26.97 -20.05 -5.48
CA THR C 75 27.06 -21.52 -5.26
C THR C 75 28.48 -21.85 -4.82
N ARG C 76 29.48 -21.27 -5.48
CA ARG C 76 30.91 -21.54 -5.13
C ARG C 76 31.15 -21.06 -3.69
N ARG C 77 30.84 -19.81 -3.35
CA ARG C 77 31.30 -19.19 -2.09
C ARG C 77 30.58 -19.80 -0.89
N PHE C 78 29.31 -20.13 -1.04
CA PHE C 78 28.50 -20.77 0.03
C PHE C 78 28.96 -22.22 0.21
N SER C 79 29.35 -22.91 -0.86
CA SER C 79 29.93 -24.27 -0.79
C SER C 79 31.20 -24.20 0.06
N ASP C 80 32.10 -23.28 -0.27
CA ASP C 80 33.43 -23.17 0.38
C ASP C 80 33.26 -22.84 1.87
N LEU C 81 32.09 -22.36 2.31
CA LEU C 81 31.78 -22.08 3.74
C LEU C 81 31.07 -23.27 4.38
N GLY C 82 30.78 -24.32 3.60
CA GLY C 82 30.33 -25.61 4.11
C GLY C 82 28.86 -25.85 3.88
N PHE C 83 28.21 -25.01 3.09
CA PHE C 83 26.75 -25.16 2.84
C PHE C 83 26.53 -26.25 1.79
N GLU C 84 25.48 -27.05 2.00
CA GLU C 84 24.88 -27.93 0.96
C GLU C 84 24.06 -26.98 0.07
N VAL C 85 24.63 -26.50 -1.04
CA VAL C 85 23.93 -25.53 -1.93
C VAL C 85 22.97 -26.30 -2.83
N LYS C 86 21.69 -25.95 -2.88
CA LYS C 86 20.71 -26.53 -3.83
C LYS C 86 20.15 -25.41 -4.71
N CYS C 87 20.47 -25.41 -6.02
CA CYS C 87 20.00 -24.40 -6.99
C CYS C 87 18.76 -24.93 -7.70
N PHE C 88 17.83 -24.04 -8.03
CA PHE C 88 16.64 -24.31 -8.86
C PHE C 88 16.47 -23.16 -9.86
N ASN C 89 16.37 -23.51 -11.15
CA ASN C 89 16.20 -22.55 -12.27
C ASN C 89 14.74 -22.51 -12.70
N ASP C 90 14.12 -21.34 -12.62
CA ASP C 90 12.87 -21.01 -13.34
C ASP C 90 11.73 -21.92 -12.88
N LEU C 91 11.63 -22.16 -11.57
CA LEU C 91 10.49 -22.90 -10.96
C LEU C 91 9.22 -22.08 -11.08
N LYS C 92 8.10 -22.72 -11.40
CA LYS C 92 6.75 -22.14 -11.27
C LYS C 92 6.41 -22.08 -9.78
N ALA C 93 5.47 -21.22 -9.41
CA ALA C 93 5.07 -20.95 -8.01
C ALA C 93 4.87 -22.27 -7.26
N GLU C 94 4.07 -23.18 -7.84
CA GLU C 94 3.73 -24.46 -7.21
C GLU C 94 5.03 -25.23 -6.89
N GLU C 95 5.94 -25.35 -7.86
CA GLU C 95 7.20 -26.12 -7.68
C GLU C 95 8.01 -25.47 -6.56
N LEU C 96 8.09 -24.14 -6.57
CA LEU C 96 8.97 -23.37 -5.66
C LEU C 96 8.47 -23.56 -4.23
N LEU C 97 7.17 -23.31 -4.02
CA LEU C 97 6.51 -23.53 -2.72
C LEU C 97 6.75 -24.97 -2.24
N LEU C 98 6.66 -25.98 -3.11
CA LEU C 98 6.92 -27.38 -2.69
C LEU C 98 8.38 -27.52 -2.24
N LYS C 99 9.37 -27.03 -2.99
CA LYS C 99 10.80 -27.26 -2.63
C LYS C 99 11.08 -26.58 -1.30
N ILE C 100 10.56 -25.37 -1.10
CA ILE C 100 10.94 -24.54 0.07
C ILE C 100 10.19 -25.10 1.29
N HIS C 101 8.98 -25.61 1.12
CA HIS C 101 8.20 -26.26 2.21
C HIS C 101 8.88 -27.58 2.59
N GLU C 102 9.29 -28.40 1.62
CA GLU C 102 10.12 -29.61 1.83
C GLU C 102 11.24 -29.24 2.80
N VAL C 103 12.03 -28.24 2.44
CA VAL C 103 13.28 -27.86 3.17
C VAL C 103 12.90 -27.34 4.55
N SER C 104 11.72 -26.75 4.71
CA SER C 104 11.28 -26.19 6.02
C SER C 104 10.92 -27.31 7.00
N THR C 105 10.55 -28.51 6.53
CA THR C 105 9.92 -29.61 7.33
C THR C 105 10.88 -30.80 7.53
N VAL C 106 11.91 -30.91 6.70
CA VAL C 106 13.17 -31.65 7.01
C VAL C 106 13.72 -31.12 8.34
N SER C 107 14.57 -31.92 9.00
CA SER C 107 15.23 -31.57 10.29
C SER C 107 16.50 -30.76 10.02
N HIS C 108 16.67 -29.65 10.74
CA HIS C 108 17.89 -28.81 10.75
C HIS C 108 18.62 -28.97 12.08
N ALA C 109 18.22 -29.96 12.89
CA ALA C 109 18.78 -30.23 14.23
C ALA C 109 20.31 -30.27 14.18
N ASP C 110 20.87 -30.88 13.13
CA ASP C 110 22.34 -31.13 12.99
C ASP C 110 23.03 -29.97 12.26
N ALA C 111 22.34 -28.83 12.07
CA ALA C 111 22.80 -27.73 11.17
C ALA C 111 23.05 -26.46 11.97
N ASP C 112 24.02 -25.67 11.53
CA ASP C 112 24.34 -24.35 12.15
C ASP C 112 23.27 -23.33 11.79
N CYS C 113 22.83 -23.30 10.52
CA CYS C 113 21.94 -22.24 10.01
C CYS C 113 21.28 -22.62 8.69
N PHE C 114 20.58 -21.66 8.09
CA PHE C 114 19.82 -21.79 6.83
C PHE C 114 19.98 -20.50 6.03
N VAL C 115 20.34 -20.65 4.76
CA VAL C 115 20.47 -19.53 3.78
C VAL C 115 19.48 -19.80 2.65
N CYS C 116 18.73 -18.78 2.25
CA CYS C 116 17.82 -18.86 1.10
C CYS C 116 18.06 -17.63 0.22
N VAL C 117 18.30 -17.82 -1.06
CA VAL C 117 18.59 -16.70 -2.02
C VAL C 117 17.53 -16.67 -3.12
N PHE C 118 17.03 -15.48 -3.41
CA PHE C 118 16.16 -15.19 -4.57
C PHE C 118 16.89 -14.26 -5.53
N LEU C 119 16.96 -14.70 -6.79
CA LEU C 119 17.46 -13.91 -7.94
C LEU C 119 16.32 -13.86 -8.94
N SER C 120 15.52 -12.81 -8.91
CA SER C 120 14.34 -12.68 -9.79
C SER C 120 13.93 -11.22 -9.88
N HIS C 121 12.80 -10.98 -10.49
CA HIS C 121 12.07 -9.71 -10.39
C HIS C 121 11.23 -9.75 -9.13
N GLY C 122 10.85 -8.58 -8.66
CA GLY C 122 9.95 -8.45 -7.49
C GLY C 122 9.29 -7.11 -7.49
N GLU C 123 8.34 -6.96 -6.59
CA GLU C 123 7.53 -5.74 -6.42
C GLU C 123 7.01 -5.84 -4.98
N GLY C 124 7.24 -4.81 -4.19
CA GLY C 124 6.64 -4.69 -2.85
C GLY C 124 7.08 -5.84 -1.98
N ASN C 125 6.11 -6.63 -1.51
CA ASN C 125 6.41 -7.80 -0.63
C ASN C 125 6.37 -9.10 -1.45
N HIS C 126 6.63 -9.03 -2.76
CA HIS C 126 6.55 -10.20 -3.67
C HIS C 126 7.86 -10.42 -4.41
N ILE C 127 8.18 -11.69 -4.61
CA ILE C 127 9.22 -12.15 -5.55
C ILE C 127 8.47 -12.80 -6.71
N TYR C 128 9.02 -12.74 -7.92
CA TYR C 128 8.45 -13.48 -9.07
C TYR C 128 9.11 -14.85 -9.15
N ALA C 129 8.27 -15.87 -9.13
CA ALA C 129 8.51 -17.19 -9.75
C ALA C 129 8.35 -17.02 -11.27
N TYR C 130 8.42 -18.11 -12.02
CA TYR C 130 8.32 -18.10 -13.49
C TYR C 130 6.96 -17.57 -13.93
N ASP C 131 5.89 -17.98 -13.23
CA ASP C 131 4.50 -17.84 -13.74
C ASP C 131 3.69 -16.83 -12.91
N ALA C 132 4.14 -16.47 -11.71
CA ALA C 132 3.34 -15.64 -10.78
C ALA C 132 4.19 -15.14 -9.63
N LYS C 133 3.67 -14.16 -8.90
CA LYS C 133 4.38 -13.54 -7.77
C LYS C 133 4.01 -14.34 -6.52
N ILE C 134 4.95 -14.36 -5.57
CA ILE C 134 4.79 -15.01 -4.23
C ILE C 134 5.14 -13.98 -3.16
N GLU C 135 4.33 -13.94 -2.11
CA GLU C 135 4.50 -13.09 -0.91
C GLU C 135 5.75 -13.57 -0.15
N ILE C 136 6.76 -12.70 -0.03
CA ILE C 136 8.03 -13.03 0.69
C ILE C 136 7.72 -13.53 2.11
N GLN C 137 6.77 -12.90 2.82
CA GLN C 137 6.44 -13.25 4.24
C GLN C 137 6.06 -14.73 4.32
N THR C 138 5.39 -15.31 3.31
CA THR C 138 4.95 -16.73 3.40
C THR C 138 6.19 -17.63 3.24
N LEU C 139 7.23 -17.18 2.55
CA LEU C 139 8.47 -17.97 2.39
C LEU C 139 9.30 -17.90 3.69
N THR C 140 9.52 -16.72 4.25
CA THR C 140 10.29 -16.58 5.51
C THR C 140 9.48 -17.19 6.66
N GLY C 141 8.15 -17.13 6.56
CA GLY C 141 7.22 -17.65 7.58
C GLY C 141 7.43 -19.13 7.86
N LEU C 142 7.85 -19.89 6.86
CA LEU C 142 8.00 -21.36 6.95
C LEU C 142 9.14 -21.72 7.89
N PHE C 143 10.07 -20.79 8.15
CA PHE C 143 11.28 -21.03 8.98
C PHE C 143 11.22 -20.30 10.33
N LYS C 144 10.12 -19.58 10.63
CA LYS C 144 9.89 -18.89 11.93
C LYS C 144 9.84 -19.95 13.03
N GLY C 145 10.42 -19.69 14.20
CA GLY C 145 10.35 -20.57 15.39
C GLY C 145 9.08 -21.43 15.44
N ASP C 146 7.90 -20.79 15.38
CA ASP C 146 6.57 -21.49 15.45
C ASP C 146 6.59 -22.73 14.55
N LYS C 147 6.97 -22.60 13.28
CA LYS C 147 6.70 -23.58 12.20
C LYS C 147 7.90 -24.50 11.90
N CYS C 148 9.09 -24.22 12.45
CA CYS C 148 10.34 -24.98 12.12
C CYS C 148 11.24 -25.00 13.35
N HIS C 149 11.01 -25.96 14.24
CA HIS C 149 11.57 -26.03 15.61
C HIS C 149 13.10 -26.22 15.54
N SER C 150 13.58 -27.04 14.60
CA SER C 150 15.01 -27.40 14.46
C SER C 150 15.88 -26.18 14.13
N LEU C 151 15.28 -25.03 13.80
CA LEU C 151 16.02 -23.79 13.43
C LEU C 151 15.85 -22.69 14.48
N VAL C 152 15.04 -22.92 15.52
CA VAL C 152 14.87 -21.93 16.61
C VAL C 152 16.25 -21.59 17.18
N GLY C 153 16.57 -20.30 17.30
CA GLY C 153 17.82 -19.81 17.87
C GLY C 153 18.99 -19.96 16.93
N LYS C 154 18.77 -20.45 15.71
CA LYS C 154 19.82 -20.53 14.66
C LYS C 154 19.58 -19.43 13.63
N PRO C 155 20.63 -18.81 13.06
CA PRO C 155 20.45 -17.75 12.09
C PRO C 155 19.77 -18.22 10.81
N LYS C 156 18.80 -17.44 10.29
CA LYS C 156 18.12 -17.69 9.00
C LYS C 156 18.37 -16.48 8.09
N ILE C 157 19.26 -16.61 7.12
CA ILE C 157 19.69 -15.50 6.23
C ILE C 157 18.94 -15.60 4.90
N PHE C 158 18.19 -14.58 4.52
CA PHE C 158 17.63 -14.41 3.15
C PHE C 158 18.40 -13.34 2.41
N ILE C 159 18.83 -13.66 1.19
CA ILE C 159 19.51 -12.69 0.28
C ILE C 159 18.61 -12.47 -0.93
N ILE C 160 18.26 -11.23 -1.23
CA ILE C 160 17.25 -10.91 -2.28
C ILE C 160 17.83 -9.91 -3.28
N GLN C 161 18.11 -10.40 -4.49
CA GLN C 161 18.49 -9.61 -5.65
C GLN C 161 17.24 -9.58 -6.54
N ALA C 162 16.37 -8.62 -6.29
CA ALA C 162 15.12 -8.46 -7.06
C ALA C 162 14.80 -6.98 -7.22
N ALA C 163 14.37 -6.61 -8.42
CA ALA C 163 13.97 -5.24 -8.77
C ALA C 163 12.85 -5.29 -9.82
N ARG C 164 12.48 -4.13 -10.36
CA ARG C 164 11.35 -3.93 -11.31
C ARG C 164 11.81 -4.34 -12.73
N GLY C 165 11.13 -5.28 -13.36
CA GLY C 165 11.44 -5.58 -14.77
C GLY C 165 10.86 -4.51 -15.67
N ASN C 166 11.66 -3.53 -16.13
CA ASN C 166 11.19 -2.45 -17.05
C ASN C 166 11.17 -3.01 -18.48
N GLN C 167 10.01 -3.49 -18.97
CA GLN C 167 9.87 -4.10 -20.32
C GLN C 167 9.86 -2.97 -21.36
N HIS C 168 10.90 -2.86 -22.18
CA HIS C 168 11.06 -1.79 -23.21
C HIS C 168 10.21 -2.10 -24.44
N THR C 187 29.00 -6.69 -25.81
CA THR C 187 28.71 -8.09 -25.37
C THR C 187 28.27 -8.09 -23.89
N ASN C 188 29.04 -7.45 -22.99
CA ASN C 188 28.73 -7.24 -21.55
C ASN C 188 28.17 -5.82 -21.35
N ILE C 189 26.85 -5.66 -21.53
CA ILE C 189 26.08 -4.42 -21.22
C ILE C 189 25.72 -4.43 -19.73
N THR C 190 25.68 -3.27 -19.10
CA THR C 190 25.18 -3.09 -17.70
C THR C 190 23.72 -2.65 -17.77
N GLU C 191 22.77 -3.50 -17.36
CA GLU C 191 21.32 -3.14 -17.30
C GLU C 191 21.06 -2.59 -15.89
N VAL C 192 20.15 -1.62 -15.80
CA VAL C 192 19.88 -0.89 -14.53
C VAL C 192 18.37 -0.88 -14.27
N ASP C 193 17.96 -1.36 -13.11
CA ASP C 193 16.54 -1.50 -12.69
C ASP C 193 16.29 -0.60 -11.47
N ALA C 194 15.07 -0.09 -11.35
CA ALA C 194 14.65 0.68 -10.17
C ALA C 194 14.41 -0.30 -9.02
N ALA C 195 14.82 0.05 -7.81
CA ALA C 195 14.42 -0.68 -6.59
C ALA C 195 12.90 -0.83 -6.56
N SER C 196 12.40 -1.98 -6.13
CA SER C 196 10.95 -2.27 -6.09
C SER C 196 10.57 -3.09 -4.85
N VAL C 197 11.50 -3.87 -4.28
CA VAL C 197 11.17 -4.87 -3.23
C VAL C 197 11.38 -4.22 -1.87
N TYR C 198 10.32 -4.17 -1.07
CA TYR C 198 10.36 -3.64 0.31
C TYR C 198 11.49 -4.37 1.04
N THR C 199 12.27 -3.63 1.81
CA THR C 199 13.38 -4.14 2.66
C THR C 199 12.76 -4.64 3.98
N LEU C 200 11.93 -5.67 3.86
CA LEU C 200 11.16 -6.29 4.97
C LEU C 200 12.09 -6.92 5.98
N PRO C 201 11.75 -6.87 7.27
CA PRO C 201 12.42 -7.68 8.28
C PRO C 201 11.70 -9.04 8.22
N ALA C 202 12.15 -10.04 8.95
CA ALA C 202 11.36 -11.23 9.29
C ALA C 202 11.39 -11.30 10.80
N GLY C 203 11.49 -12.50 11.37
CA GLY C 203 11.34 -12.71 12.82
C GLY C 203 12.65 -12.85 13.54
N ALA C 204 12.60 -13.24 14.81
CA ALA C 204 13.81 -13.39 15.64
C ALA C 204 14.79 -14.26 14.87
N ASP C 205 16.04 -13.81 14.82
CA ASP C 205 17.19 -14.65 14.39
C ASP C 205 17.20 -14.75 12.86
N PHE C 206 16.41 -13.93 12.17
CA PHE C 206 16.54 -13.72 10.71
C PHE C 206 17.47 -12.54 10.37
N LEU C 207 18.08 -12.59 9.19
CA LEU C 207 18.88 -11.49 8.60
C LEU C 207 18.44 -11.34 7.13
N MET C 208 17.70 -10.30 6.81
CA MET C 208 17.22 -10.06 5.42
C MET C 208 18.21 -9.11 4.73
N CYS C 209 18.79 -9.56 3.61
CA CYS C 209 19.85 -8.88 2.85
C CYS C 209 19.30 -8.49 1.49
N TYR C 210 19.45 -7.22 1.09
CA TYR C 210 18.82 -6.63 -0.10
C TYR C 210 19.86 -5.95 -1.00
N SER C 211 19.84 -6.27 -2.29
CA SER C 211 20.67 -5.67 -3.37
C SER C 211 20.57 -4.14 -3.36
N VAL C 212 19.43 -3.57 -2.97
CA VAL C 212 19.14 -2.13 -3.23
C VAL C 212 18.02 -1.65 -2.31
N ALA C 213 18.11 -0.41 -1.85
CA ALA C 213 17.11 0.26 -0.99
C ALA C 213 16.15 1.11 -1.83
N GLU C 214 15.04 1.57 -1.23
CA GLU C 214 14.05 2.49 -1.88
C GLU C 214 14.75 3.71 -2.45
N GLY C 215 14.38 4.09 -3.67
CA GLY C 215 14.90 5.26 -4.39
C GLY C 215 16.27 5.06 -5.03
N TYR C 216 16.94 3.93 -4.81
CA TYR C 216 18.22 3.62 -5.50
C TYR C 216 17.95 2.70 -6.69
N TYR C 217 19.02 2.29 -7.37
CA TYR C 217 18.94 1.49 -8.61
C TYR C 217 19.88 0.28 -8.47
N SER C 218 19.48 -0.82 -9.07
CA SER C 218 20.20 -2.11 -9.02
C SER C 218 20.78 -2.37 -10.40
N HIS C 219 22.07 -2.71 -10.45
CA HIS C 219 22.87 -2.92 -11.69
C HIS C 219 23.15 -4.42 -11.88
N ARG C 220 22.96 -4.91 -13.10
CA ARG C 220 23.34 -6.29 -13.52
C ARG C 220 24.11 -6.20 -14.84
N GLU C 221 25.35 -6.71 -14.84
CA GLU C 221 26.20 -6.89 -16.05
C GLU C 221 25.72 -8.20 -16.69
N THR C 222 25.56 -8.28 -18.02
CA THR C 222 24.86 -9.41 -18.70
C THR C 222 25.74 -10.65 -18.74
N VAL C 223 27.02 -10.56 -18.42
CA VAL C 223 27.96 -11.71 -18.33
C VAL C 223 28.43 -11.85 -16.89
N ASN C 224 28.87 -10.75 -16.26
CA ASN C 224 29.52 -10.76 -14.92
C ASN C 224 28.51 -10.84 -13.77
N GLY C 225 27.27 -10.44 -14.01
CA GLY C 225 26.17 -10.51 -13.03
C GLY C 225 25.97 -9.22 -12.25
N SER C 226 25.11 -9.30 -11.26
CA SER C 226 24.65 -8.15 -10.42
C SER C 226 25.84 -7.58 -9.63
N TRP C 227 25.92 -6.25 -9.55
CA TRP C 227 26.96 -5.54 -8.77
C TRP C 227 26.93 -6.09 -7.33
N TYR C 228 25.74 -6.19 -6.75
CA TYR C 228 25.54 -6.61 -5.34
C TYR C 228 26.15 -7.99 -5.14
N ILE C 229 25.85 -8.93 -6.03
CA ILE C 229 26.27 -10.36 -5.88
C ILE C 229 27.77 -10.45 -6.14
N GLN C 230 28.28 -9.74 -7.15
CA GLN C 230 29.74 -9.70 -7.43
C GLN C 230 30.45 -9.32 -6.12
N ASP C 231 30.01 -8.22 -5.51
CA ASP C 231 30.71 -7.62 -4.34
C ASP C 231 30.47 -8.51 -3.11
N LEU C 232 29.25 -9.00 -2.92
CA LEU C 232 28.99 -10.00 -1.85
C LEU C 232 29.94 -11.18 -2.01
N CYS C 233 30.03 -11.74 -3.22
CA CYS C 233 30.82 -12.98 -3.47
C CYS C 233 32.31 -12.68 -3.33
N GLU C 234 32.78 -11.50 -3.73
CA GLU C 234 34.21 -11.13 -3.51
C GLU C 234 34.49 -11.12 -2.01
N MET C 235 33.59 -10.50 -1.23
CA MET C 235 33.78 -10.35 0.23
C MET C 235 33.69 -11.73 0.89
N LEU C 236 32.77 -12.60 0.46
CA LEU C 236 32.67 -13.99 0.99
C LEU C 236 34.01 -14.72 0.76
N GLY C 237 34.59 -14.61 -0.44
CA GLY C 237 35.89 -15.18 -0.81
C GLY C 237 37.02 -14.73 0.11
N LYS C 238 37.23 -13.43 0.23
CA LYS C 238 38.35 -12.87 1.03
C LYS C 238 38.10 -13.10 2.53
N TYR C 239 36.91 -12.81 3.03
CA TYR C 239 36.65 -12.60 4.48
C TYR C 239 35.54 -13.53 5.02
N GLY C 240 34.88 -14.32 4.18
CA GLY C 240 33.74 -15.18 4.62
C GLY C 240 34.04 -15.90 5.91
N SER C 241 35.23 -16.49 6.00
CA SER C 241 35.62 -17.46 7.06
C SER C 241 36.24 -16.78 8.29
N SER C 242 36.53 -15.47 8.25
CA SER C 242 37.13 -14.70 9.39
C SER C 242 36.13 -13.69 9.98
N LEU C 243 35.43 -12.90 9.15
CA LEU C 243 34.65 -11.72 9.60
C LEU C 243 33.24 -12.11 10.03
N GLU C 244 32.70 -11.35 10.98
CA GLU C 244 31.27 -11.43 11.40
C GLU C 244 30.39 -11.02 10.22
N PHE C 245 29.26 -11.67 10.02
CA PHE C 245 28.60 -11.65 8.69
C PHE C 245 28.03 -10.25 8.41
N THR C 246 27.52 -9.57 9.45
CA THR C 246 27.01 -8.18 9.30
C THR C 246 28.20 -7.24 9.03
N GLU C 247 29.38 -7.48 9.63
CA GLU C 247 30.63 -6.72 9.32
C GLU C 247 30.90 -6.77 7.82
N LEU C 248 30.75 -7.97 7.25
CA LEU C 248 31.02 -8.30 5.84
C LEU C 248 29.98 -7.59 4.96
N LEU C 249 28.69 -7.75 5.28
CA LEU C 249 27.58 -7.09 4.54
C LEU C 249 27.84 -5.57 4.51
N THR C 250 28.48 -5.03 5.54
CA THR C 250 28.79 -3.58 5.63
C THR C 250 29.86 -3.25 4.60
N LEU C 251 30.87 -4.12 4.47
CA LEU C 251 31.88 -4.00 3.37
C LEU C 251 31.17 -3.98 2.03
N VAL C 252 30.18 -4.86 1.84
CA VAL C 252 29.42 -4.96 0.56
C VAL C 252 28.71 -3.63 0.32
N ASN C 253 28.17 -3.02 1.39
CA ASN C 253 27.46 -1.72 1.24
C ASN C 253 28.49 -0.68 0.79
N ARG C 254 29.67 -0.67 1.40
CA ARG C 254 30.73 0.30 1.02
C ARG C 254 31.06 0.06 -0.46
N LYS C 255 31.40 -1.18 -0.80
CA LYS C 255 31.91 -1.54 -2.15
C LYS C 255 30.88 -1.10 -3.21
N VAL C 256 29.61 -1.46 -3.02
CA VAL C 256 28.56 -1.20 -4.03
C VAL C 256 28.27 0.31 -4.08
N SER C 257 28.23 0.98 -2.94
CA SER C 257 27.90 2.44 -2.85
C SER C 257 28.97 3.23 -3.61
N GLN C 258 30.22 2.76 -3.55
CA GLN C 258 31.41 3.40 -4.17
C GLN C 258 31.52 3.05 -5.68
N ARG C 259 30.65 2.25 -6.26
CA ARG C 259 30.72 2.03 -7.73
C ARG C 259 30.28 3.32 -8.41
N ARG C 260 31.16 3.85 -9.26
CA ARG C 260 30.98 5.12 -10.02
C ARG C 260 29.80 4.95 -11.00
N VAL C 261 28.98 6.00 -11.14
CA VAL C 261 27.82 6.03 -12.08
C VAL C 261 27.77 7.41 -12.77
N ASP C 262 28.94 8.07 -12.94
CA ASP C 262 29.05 9.45 -13.50
C ASP C 262 29.31 9.37 -15.01
N PHE C 263 30.26 8.54 -15.47
CA PHE C 263 30.60 8.34 -16.90
C PHE C 263 30.12 6.94 -17.30
N CYS C 264 28.94 6.85 -17.93
CA CYS C 264 28.22 5.59 -18.29
C CYS C 264 27.97 5.55 -19.80
N LYS C 265 28.09 4.37 -20.43
CA LYS C 265 27.90 4.21 -21.89
C LYS C 265 26.47 4.61 -22.28
N ASP C 266 25.46 4.34 -21.45
CA ASP C 266 24.10 4.89 -21.62
C ASP C 266 24.05 6.27 -20.93
N PRO C 267 23.52 7.33 -21.60
CA PRO C 267 23.29 8.61 -20.93
C PRO C 267 22.30 8.55 -19.75
N SER C 268 21.16 7.88 -19.92
CA SER C 268 20.03 7.82 -18.96
C SER C 268 20.38 7.00 -17.71
N ALA C 269 21.48 6.24 -17.73
CA ALA C 269 21.99 5.42 -16.60
C ALA C 269 22.87 6.27 -15.67
N ILE C 270 23.25 7.49 -16.07
CA ILE C 270 24.12 8.39 -15.26
C ILE C 270 23.32 8.86 -14.03
N GLY C 271 23.96 8.88 -12.86
CA GLY C 271 23.40 9.43 -11.61
C GLY C 271 22.60 8.41 -10.81
N LYS C 272 22.39 7.21 -11.35
CA LYS C 272 21.57 6.15 -10.72
C LYS C 272 22.45 5.32 -9.75
N LYS C 273 22.69 5.79 -8.53
CA LYS C 273 23.54 5.08 -7.53
C LYS C 273 22.84 3.81 -7.05
N GLN C 274 23.65 2.88 -6.56
CA GLN C 274 23.14 1.65 -5.91
C GLN C 274 23.59 1.65 -4.46
N VAL C 275 22.63 1.55 -3.55
CA VAL C 275 22.88 1.40 -2.09
C VAL C 275 22.12 0.18 -1.60
N PRO C 276 22.82 -0.91 -1.24
CA PRO C 276 22.15 -2.08 -0.67
C PRO C 276 21.91 -1.80 0.81
N CYS C 277 21.24 -2.73 1.49
CA CYS C 277 21.04 -2.68 2.96
C CYS C 277 20.77 -4.07 3.50
N PHE C 278 20.75 -4.19 4.82
CA PHE C 278 20.32 -5.42 5.53
C PHE C 278 19.49 -5.05 6.75
N ALA C 279 18.47 -5.87 6.99
CA ALA C 279 17.60 -5.78 8.17
C ALA C 279 17.93 -6.95 9.09
N SER C 280 18.55 -6.67 10.24
CA SER C 280 19.05 -7.68 11.23
C SER C 280 18.03 -7.81 12.35
N MET C 281 17.58 -9.02 12.58
CA MET C 281 16.85 -9.42 13.80
C MET C 281 17.75 -10.44 14.52
N LEU C 282 19.03 -10.48 14.18
CA LEU C 282 19.98 -11.43 14.83
C LEU C 282 20.14 -11.00 16.29
N THR C 283 20.47 -11.95 17.17
CA THR C 283 20.59 -11.77 18.62
C THR C 283 22.02 -12.04 19.09
N LYS C 284 22.90 -12.44 18.18
CA LYS C 284 24.30 -12.77 18.53
C LYS C 284 25.21 -12.48 17.33
N LYS C 285 26.51 -12.57 17.55
CA LYS C 285 27.50 -12.43 16.47
C LYS C 285 27.44 -13.71 15.63
N LEU C 286 27.58 -13.59 14.31
CA LEU C 286 27.44 -14.68 13.32
C LEU C 286 28.76 -14.82 12.58
N HIS C 287 29.47 -15.91 12.78
CA HIS C 287 30.74 -16.25 12.10
C HIS C 287 30.60 -17.58 11.35
N PHE C 288 31.29 -17.72 10.24
CA PHE C 288 31.36 -18.98 9.46
C PHE C 288 32.82 -19.48 9.47
N PHE C 289 33.39 -19.66 10.67
CA PHE C 289 34.76 -20.21 10.85
C PHE C 289 34.82 -21.58 10.19
N PRO C 290 35.97 -21.99 9.62
CA PRO C 290 36.10 -23.31 8.99
C PRO C 290 35.65 -24.41 9.96
N LYS C 291 34.80 -25.35 9.52
CA LYS C 291 34.29 -26.44 10.39
C LYS C 291 35.36 -27.53 10.57
N SER C 292 35.49 -28.09 11.78
CA SER C 292 36.43 -29.18 12.13
C SER C 292 35.80 -30.52 11.74
N ASN C 293 36.40 -31.27 10.81
CA ASN C 293 35.89 -32.59 10.32
C ASN C 293 35.94 -33.64 11.44
N GLU D 29 45.34 0.22 -4.06
CA GLU D 29 45.00 -1.26 -3.96
C GLU D 29 44.77 -1.63 -2.48
N MET D 30 44.27 -0.67 -1.68
CA MET D 30 44.35 -0.57 -0.19
C MET D 30 42.93 -0.58 0.42
N PHE D 31 42.25 -1.73 0.43
CA PHE D 31 40.87 -1.90 0.98
C PHE D 31 40.94 -2.52 2.38
N ASP D 32 40.17 -2.01 3.34
CA ASP D 32 40.40 -2.31 4.78
C ASP D 32 39.13 -2.87 5.42
N PRO D 33 39.04 -4.19 5.71
CA PRO D 33 37.85 -4.75 6.35
C PRO D 33 37.54 -4.20 7.75
N ALA D 34 38.47 -3.47 8.38
CA ALA D 34 38.31 -2.95 9.75
C ALA D 34 38.16 -1.41 9.71
N GLU D 35 37.86 -0.85 8.53
CA GLU D 35 37.68 0.62 8.38
C GLU D 35 36.54 1.06 9.31
N LYS D 36 36.78 2.15 10.06
CA LYS D 36 35.84 2.81 11.00
C LYS D 36 35.50 4.19 10.45
N TYR D 37 34.25 4.61 10.62
CA TYR D 37 33.86 6.02 10.43
C TYR D 37 34.85 6.88 11.22
N LYS D 38 35.26 8.02 10.66
CA LYS D 38 36.08 9.02 11.40
C LYS D 38 35.21 9.63 12.51
N MET D 39 35.63 9.43 13.76
CA MET D 39 34.87 9.92 14.94
C MET D 39 35.80 10.77 15.83
N ASP D 40 36.67 11.58 15.20
CA ASP D 40 37.71 12.45 15.85
C ASP D 40 37.46 13.93 15.52
N HIS D 41 36.24 14.32 15.14
CA HIS D 41 35.85 15.74 14.88
C HIS D 41 35.78 16.49 16.23
N ARG D 42 35.67 17.82 16.20
CA ARG D 42 35.67 18.65 17.45
C ARG D 42 34.49 18.21 18.34
N ARG D 43 33.28 18.11 17.80
CA ARG D 43 32.06 17.67 18.51
C ARG D 43 31.58 16.29 18.01
N ARG D 44 30.87 15.54 18.85
CA ARG D 44 30.18 14.29 18.47
C ARG D 44 29.06 14.60 17.47
N GLY D 45 28.22 15.57 17.82
CA GLY D 45 27.08 16.00 17.00
C GLY D 45 25.79 16.12 17.81
N ILE D 46 24.70 16.41 17.11
CA ILE D 46 23.36 16.65 17.68
C ILE D 46 22.60 15.34 17.76
N ALA D 47 21.84 15.13 18.84
CA ALA D 47 20.78 14.11 18.93
C ALA D 47 19.46 14.85 19.13
N LEU D 48 18.62 14.97 18.09
CA LEU D 48 17.20 15.38 18.24
C LEU D 48 16.41 14.25 18.89
N ILE D 49 15.50 14.59 19.78
CA ILE D 49 14.49 13.64 20.35
C ILE D 49 13.12 14.29 20.29
N PHE D 50 12.28 13.91 19.34
CA PHE D 50 10.87 14.34 19.29
C PHE D 50 10.05 13.37 20.14
N ASN D 51 9.46 13.88 21.21
CA ASN D 51 8.78 13.09 22.26
C ASN D 51 7.30 13.45 22.28
N HIS D 52 6.43 12.46 22.06
CA HIS D 52 4.96 12.65 21.90
C HIS D 52 4.20 11.80 22.92
N GLU D 53 3.56 12.48 23.89
CA GLU D 53 2.78 11.87 25.01
C GLU D 53 1.27 11.94 24.68
N ARG D 54 0.81 13.06 24.14
CA ARG D 54 -0.62 13.40 23.93
C ARG D 54 -0.76 13.90 22.49
N PHE D 55 -2.00 13.87 21.99
CA PHE D 55 -2.35 14.14 20.58
C PHE D 55 -3.62 14.98 20.54
N PHE D 56 -3.70 15.87 19.55
CA PHE D 56 -4.92 16.61 19.18
C PHE D 56 -6.13 15.68 19.36
N TRP D 57 -7.22 16.15 20.00
CA TRP D 57 -8.37 15.29 20.35
C TRP D 57 -8.81 14.50 19.11
N HIS D 58 -9.00 15.20 17.99
CA HIS D 58 -9.73 14.69 16.79
C HIS D 58 -8.91 13.62 16.06
N LEU D 59 -7.73 13.24 16.55
CA LEU D 59 -6.91 12.12 16.03
C LEU D 59 -7.31 10.81 16.73
N THR D 60 -7.95 10.87 17.90
CA THR D 60 -8.40 9.68 18.66
C THR D 60 -7.20 8.75 18.85
N LEU D 61 -6.10 9.28 19.41
CA LEU D 61 -4.87 8.52 19.74
C LEU D 61 -4.68 8.59 21.25
N PRO D 62 -4.34 7.47 21.90
CA PRO D 62 -4.20 7.47 23.35
C PRO D 62 -2.89 8.12 23.84
N GLU D 63 -2.93 8.67 25.07
CA GLU D 63 -1.75 9.05 25.85
C GLU D 63 -0.71 7.94 25.73
N ARG D 64 0.55 8.30 25.54
CA ARG D 64 1.67 7.34 25.57
C ARG D 64 2.34 7.50 26.96
N ARG D 65 1.63 7.14 28.02
CA ARG D 65 2.15 7.25 29.42
C ARG D 65 3.44 6.44 29.50
N GLY D 66 4.56 7.08 29.87
CA GLY D 66 5.88 6.46 30.07
C GLY D 66 6.93 6.97 29.09
N THR D 67 6.50 7.68 28.05
CA THR D 67 7.38 8.21 26.97
C THR D 67 8.40 9.22 27.55
N CYS D 68 8.13 9.78 28.74
CA CYS D 68 9.05 10.75 29.39
C CYS D 68 10.24 9.99 29.97
N ALA D 69 10.03 8.79 30.48
CA ALA D 69 11.13 7.93 30.94
C ALA D 69 12.07 7.66 29.76
N ASP D 70 11.48 7.33 28.61
CA ASP D 70 12.23 7.05 27.36
C ASP D 70 13.08 8.28 27.00
N ARG D 71 12.44 9.45 26.91
CA ARG D 71 13.09 10.73 26.54
C ARG D 71 14.27 11.02 27.50
N ASP D 72 14.07 10.81 28.80
CA ASP D 72 15.07 11.16 29.84
C ASP D 72 16.22 10.16 29.79
N ASN D 73 15.89 8.86 29.73
CA ASN D 73 16.91 7.78 29.65
C ASN D 73 17.77 8.00 28.42
N LEU D 74 17.16 8.27 27.26
CA LEU D 74 17.93 8.49 26.01
C LEU D 74 18.79 9.74 26.21
N THR D 75 18.20 10.83 26.72
CA THR D 75 18.90 12.13 26.86
C THR D 75 20.18 11.90 27.67
N ARG D 76 20.08 11.14 28.75
CA ARG D 76 21.24 10.89 29.64
C ARG D 76 22.31 10.13 28.82
N ARG D 77 21.96 9.02 28.17
CA ARG D 77 22.98 8.09 27.62
C ARG D 77 23.65 8.70 26.39
N PHE D 78 22.90 9.44 25.58
CA PHE D 78 23.44 10.13 24.39
C PHE D 78 24.32 11.30 24.84
N SER D 79 23.97 11.98 25.92
CA SER D 79 24.81 13.06 26.51
C SER D 79 26.16 12.47 26.91
N ASP D 80 26.15 11.36 27.64
CA ASP D 80 27.37 10.73 28.19
C ASP D 80 28.28 10.25 27.04
N LEU D 81 27.76 10.14 25.82
CA LEU D 81 28.54 9.76 24.60
C LEU D 81 29.00 11.01 23.84
N GLY D 82 28.59 12.20 24.30
CA GLY D 82 29.11 13.48 23.80
C GLY D 82 28.13 14.20 22.91
N PHE D 83 26.90 13.74 22.81
CA PHE D 83 25.89 14.38 21.93
C PHE D 83 25.35 15.65 22.60
N GLU D 84 25.14 16.70 21.81
CA GLU D 84 24.30 17.86 22.17
C GLU D 84 22.86 17.38 22.00
N VAL D 85 22.21 16.90 23.06
CA VAL D 85 20.83 16.36 22.97
C VAL D 85 19.85 17.53 22.99
N LYS D 86 18.95 17.62 22.02
CA LYS D 86 17.87 18.63 21.98
C LYS D 86 16.51 17.92 21.97
N CYS D 87 15.74 18.03 23.06
CA CYS D 87 14.41 17.38 23.20
C CYS D 87 13.33 18.37 22.82
N PHE D 88 12.25 17.89 22.20
CA PHE D 88 11.03 18.66 21.92
C PHE D 88 9.81 17.80 22.27
N ASN D 89 8.91 18.35 23.08
CA ASN D 89 7.66 17.68 23.52
C ASN D 89 6.47 18.18 22.70
N ASP D 90 5.79 17.27 22.01
CA ASP D 90 4.40 17.47 21.53
C ASP D 90 4.37 18.62 20.51
N LEU D 91 5.36 18.68 19.61
CA LEU D 91 5.37 19.65 18.48
C LEU D 91 4.26 19.31 17.49
N LYS D 92 3.57 20.33 16.98
CA LYS D 92 2.70 20.19 15.79
C LYS D 92 3.60 20.01 14.56
N ALA D 93 3.04 19.47 13.48
CA ALA D 93 3.77 19.14 12.24
C ALA D 93 4.64 20.32 11.80
N GLU D 94 4.04 21.51 11.72
CA GLU D 94 4.73 22.74 11.25
C GLU D 94 5.96 22.98 12.12
N GLU D 95 5.82 22.94 13.45
CA GLU D 95 6.94 23.23 14.38
C GLU D 95 8.04 22.18 14.16
N LEU D 96 7.64 20.92 14.02
CA LEU D 96 8.59 19.77 13.97
C LEU D 96 9.42 19.89 12.69
N LEU D 97 8.74 20.05 11.57
CA LEU D 97 9.39 20.26 10.25
C LEU D 97 10.35 21.46 10.34
N LEU D 98 9.98 22.57 10.99
CA LEU D 98 10.89 23.73 11.13
C LEU D 98 12.13 23.32 11.93
N LYS D 99 11.99 22.65 13.08
CA LYS D 99 13.17 22.35 13.94
C LYS D 99 14.11 21.43 13.18
N ILE D 100 13.55 20.44 12.49
CA ILE D 100 14.39 19.38 11.88
C ILE D 100 15.04 19.96 10.60
N HIS D 101 14.35 20.85 9.90
CA HIS D 101 14.92 21.55 8.71
C HIS D 101 16.03 22.50 9.16
N GLU D 102 15.81 23.28 10.21
CA GLU D 102 16.84 24.11 10.88
C GLU D 102 18.10 23.26 11.03
N VAL D 103 17.98 22.13 11.70
CA VAL D 103 19.12 21.27 12.09
C VAL D 103 19.78 20.69 10.82
N SER D 104 19.01 20.49 9.75
CA SER D 104 19.55 19.91 8.50
C SER D 104 20.43 20.92 7.76
N THR D 105 20.23 22.24 7.98
CA THR D 105 20.82 23.33 7.14
C THR D 105 21.91 24.11 7.91
N VAL D 106 21.93 24.02 9.23
CA VAL D 106 23.14 24.25 10.08
C VAL D 106 24.28 23.38 9.54
N SER D 107 25.53 23.76 9.85
CA SER D 107 26.76 23.02 9.46
C SER D 107 27.05 21.88 10.45
N HIS D 108 27.32 20.68 9.93
CA HIS D 108 27.76 19.50 10.72
C HIS D 108 29.23 19.21 10.43
N ALA D 109 29.93 20.14 9.76
CA ALA D 109 31.35 20.01 9.33
C ALA D 109 32.21 19.53 10.50
N ASP D 110 31.96 20.08 11.71
CA ASP D 110 32.81 19.85 12.91
C ASP D 110 32.29 18.65 13.71
N ALA D 111 31.38 17.84 13.16
CA ALA D 111 30.63 16.81 13.92
C ALA D 111 30.95 15.42 13.38
N ASP D 112 30.93 14.44 14.28
CA ASP D 112 31.14 13.01 13.91
C ASP D 112 29.91 12.46 13.20
N CYS D 113 28.72 12.78 13.69
CA CYS D 113 27.46 12.17 13.20
C CYS D 113 26.21 12.95 13.62
N PHE D 114 25.06 12.38 13.34
CA PHE D 114 23.71 12.91 13.65
C PHE D 114 22.81 11.76 14.10
N VAL D 115 22.11 11.97 15.21
CA VAL D 115 21.10 11.04 15.77
C VAL D 115 19.76 11.77 15.81
N CYS D 116 18.70 11.12 15.37
CA CYS D 116 17.34 11.67 15.46
C CYS D 116 16.44 10.57 16.02
N VAL D 117 15.67 10.87 17.06
CA VAL D 117 14.76 9.88 17.73
C VAL D 117 13.32 10.35 17.66
N PHE D 118 12.42 9.45 17.30
CA PHE D 118 10.95 9.64 17.36
C PHE D 118 10.36 8.68 18.39
N LEU D 119 9.63 9.24 19.33
CA LEU D 119 8.81 8.54 20.34
C LEU D 119 7.38 9.01 20.14
N SER D 120 6.60 8.28 19.36
CA SER D 120 5.21 8.68 19.05
C SER D 120 4.42 7.46 18.58
N HIS D 121 3.22 7.70 18.10
CA HIS D 121 2.45 6.73 17.30
C HIS D 121 2.94 6.86 15.86
N GLY D 122 2.68 5.82 15.08
CA GLY D 122 2.99 5.81 13.65
C GLY D 122 2.17 4.77 12.95
N GLU D 123 2.23 4.80 11.64
CA GLU D 123 1.51 3.90 10.73
C GLU D 123 2.30 3.94 9.42
N GLY D 124 2.69 2.79 8.92
CA GLY D 124 3.29 2.67 7.57
C GLY D 124 4.55 3.48 7.48
N ASN D 125 4.58 4.47 6.59
CA ASN D 125 5.80 5.33 6.46
C ASN D 125 5.59 6.67 7.15
N HIS D 126 4.76 6.71 8.19
CA HIS D 126 4.40 7.96 8.90
C HIS D 126 4.69 7.86 10.39
N ILE D 127 5.13 8.97 10.95
CA ILE D 127 5.18 9.20 12.41
C ILE D 127 4.09 10.22 12.70
N TYR D 128 3.49 10.17 13.89
CA TYR D 128 2.53 11.21 14.32
C TYR D 128 3.30 12.29 15.09
N ALA D 129 3.15 13.53 14.60
CA ALA D 129 3.26 14.77 15.38
C ALA D 129 1.98 14.89 16.21
N TYR D 130 1.82 16.01 16.93
CA TYR D 130 0.66 16.26 17.80
C TYR D 130 -0.64 16.27 16.98
N ASP D 131 -0.61 16.89 15.80
CA ASP D 131 -1.84 17.26 15.06
C ASP D 131 -2.01 16.46 13.78
N ALA D 132 -0.98 15.80 13.28
CA ALA D 132 -1.02 15.13 11.95
C ALA D 132 0.18 14.22 11.76
N LYS D 133 0.08 13.35 10.76
CA LYS D 133 1.14 12.38 10.45
C LYS D 133 2.11 13.04 9.47
N ILE D 134 3.37 12.62 9.56
CA ILE D 134 4.48 13.10 8.69
C ILE D 134 5.17 11.86 8.08
N GLU D 135 5.46 11.94 6.79
CA GLU D 135 6.17 10.92 6.00
C GLU D 135 7.62 10.85 6.50
N ILE D 136 8.04 9.70 7.03
CA ILE D 136 9.41 9.48 7.56
C ILE D 136 10.45 9.83 6.47
N GLN D 137 10.22 9.45 5.21
CA GLN D 137 11.20 9.68 4.10
C GLN D 137 11.50 11.19 3.99
N THR D 138 10.55 12.09 4.25
CA THR D 138 10.80 13.54 4.11
C THR D 138 11.72 13.99 5.25
N LEU D 139 11.67 13.33 6.41
CA LEU D 139 12.54 13.68 7.56
C LEU D 139 13.97 13.15 7.31
N THR D 140 14.13 11.90 6.92
CA THR D 140 15.47 11.32 6.64
C THR D 140 16.05 11.99 5.39
N GLY D 141 15.18 12.38 4.45
CA GLY D 141 15.57 13.01 3.19
C GLY D 141 16.38 14.29 3.38
N LEU D 142 16.14 15.00 4.47
CA LEU D 142 16.75 16.32 4.75
C LEU D 142 18.24 16.14 5.03
N PHE D 143 18.67 14.94 5.41
CA PHE D 143 20.07 14.65 5.81
C PHE D 143 20.81 13.78 4.78
N LYS D 144 20.16 13.42 3.66
CA LYS D 144 20.78 12.64 2.55
C LYS D 144 21.91 13.48 1.96
N GLY D 145 23.04 12.85 1.59
CA GLY D 145 24.17 13.50 0.89
C GLY D 145 23.74 14.70 0.03
N ASP D 146 22.81 14.49 -0.90
CA ASP D 146 22.30 15.53 -1.83
C ASP D 146 22.06 16.85 -1.07
N LYS D 147 21.31 16.81 0.03
CA LYS D 147 20.65 17.99 0.67
C LYS D 147 21.43 18.51 1.89
N CYS D 148 22.43 17.77 2.39
CA CYS D 148 23.16 18.14 3.64
C CYS D 148 24.61 17.67 3.53
N HIS D 149 25.45 18.50 2.92
CA HIS D 149 26.83 18.16 2.45
C HIS D 149 27.71 17.86 3.67
N SER D 150 27.55 18.61 4.77
CA SER D 150 28.42 18.51 5.97
C SER D 150 28.29 17.14 6.65
N LEU D 151 27.32 16.31 6.25
CA LEU D 151 27.06 14.97 6.86
C LEU D 151 27.38 13.84 5.86
N VAL D 152 27.74 14.16 4.62
CA VAL D 152 28.16 13.13 3.63
C VAL D 152 29.27 12.29 4.24
N GLY D 153 29.13 10.97 4.18
CA GLY D 153 30.13 10.00 4.66
C GLY D 153 30.15 9.89 6.16
N LYS D 154 29.27 10.61 6.87
CA LYS D 154 29.14 10.51 8.35
C LYS D 154 27.87 9.73 8.68
N PRO D 155 27.86 8.91 9.75
CA PRO D 155 26.69 8.11 10.08
C PRO D 155 25.48 8.97 10.47
N LYS D 156 24.29 8.63 9.99
CA LYS D 156 23.01 9.29 10.36
C LYS D 156 22.10 8.20 10.95
N ILE D 157 21.93 8.19 12.27
CA ILE D 157 21.16 7.15 13.01
C ILE D 157 19.76 7.70 13.31
N PHE D 158 18.71 7.04 12.85
CA PHE D 158 17.32 7.27 13.31
C PHE D 158 16.87 6.11 14.22
N ILE D 159 16.33 6.44 15.39
CA ILE D 159 15.73 5.46 16.32
C ILE D 159 14.23 5.75 16.39
N ILE D 160 13.38 4.75 16.13
CA ILE D 160 11.92 4.94 16.03
C ILE D 160 11.18 3.97 16.94
N GLN D 161 10.63 4.52 18.02
CA GLN D 161 9.72 3.83 18.95
C GLN D 161 8.34 4.35 18.60
N ALA D 162 7.69 3.71 17.64
CA ALA D 162 6.33 4.09 17.19
C ALA D 162 5.55 2.82 16.83
N ALA D 163 4.29 2.80 17.25
CA ALA D 163 3.36 1.71 16.97
C ALA D 163 1.95 2.28 16.81
N ARG D 164 0.94 1.39 16.70
CA ARG D 164 -0.49 1.70 16.46
C ARG D 164 -1.14 2.14 17.78
N GLY D 165 -1.74 3.32 17.80
CA GLY D 165 -2.55 3.84 18.91
C GLY D 165 -3.69 2.90 19.28
N ASN D 166 -3.51 2.17 20.39
CA ASN D 166 -4.30 0.98 20.82
C ASN D 166 -5.81 1.31 21.00
N GLN D 167 -6.15 2.33 21.78
CA GLN D 167 -7.55 2.70 22.17
C GLN D 167 -8.13 1.60 23.07
N THR D 187 0.14 0.76 39.62
CA THR D 187 0.62 2.11 39.19
C THR D 187 1.40 2.01 37.87
N ASN D 188 2.37 1.09 37.77
CA ASN D 188 3.20 0.78 36.57
C ASN D 188 2.61 -0.42 35.81
N ILE D 189 1.64 -0.17 34.93
CA ILE D 189 1.04 -1.22 34.05
C ILE D 189 1.84 -1.24 32.74
N THR D 190 1.92 -2.41 32.11
CA THR D 190 2.59 -2.60 30.80
C THR D 190 1.54 -2.54 29.69
N GLU D 191 1.56 -1.49 28.85
CA GLU D 191 0.64 -1.37 27.69
C GLU D 191 1.34 -2.01 26.49
N VAL D 192 0.56 -2.62 25.60
CA VAL D 192 1.10 -3.41 24.45
C VAL D 192 0.40 -2.97 23.16
N ASP D 193 1.19 -2.58 22.15
CA ASP D 193 0.72 -2.04 20.86
C ASP D 193 1.18 -2.98 19.75
N ALA D 194 0.41 -3.08 18.68
CA ALA D 194 0.80 -3.85 17.48
C ALA D 194 1.83 -3.03 16.71
N ALA D 195 2.85 -3.68 16.16
CA ALA D 195 3.77 -3.05 15.19
C ALA D 195 2.95 -2.41 14.07
N SER D 196 3.36 -1.23 13.59
CA SER D 196 2.63 -0.49 12.53
C SER D 196 3.59 0.21 11.56
N VAL D 197 4.81 0.56 11.99
CA VAL D 197 5.71 1.45 11.20
C VAL D 197 6.63 0.55 10.38
N TYR D 198 6.60 0.73 9.07
CA TYR D 198 7.47 0.00 8.13
C TYR D 198 8.91 0.20 8.59
N THR D 199 9.70 -0.87 8.56
CA THR D 199 11.14 -0.89 8.90
C THR D 199 11.93 -0.42 7.66
N LEU D 200 11.69 0.83 7.28
CA LEU D 200 12.25 1.49 6.07
C LEU D 200 13.76 1.62 6.21
N PRO D 201 14.50 1.50 5.10
CA PRO D 201 15.90 1.89 5.07
C PRO D 201 15.87 3.40 4.77
N ALA D 202 17.00 4.08 4.79
CA ALA D 202 17.15 5.40 4.15
C ALA D 202 18.32 5.23 3.19
N GLY D 203 19.20 6.23 3.08
CA GLY D 203 20.25 6.26 2.05
C GLY D 203 21.60 5.84 2.58
N ALA D 204 22.64 6.04 1.79
CA ALA D 204 24.01 5.66 2.17
C ALA D 204 24.29 6.26 3.53
N ASP D 205 24.85 5.44 4.43
CA ASP D 205 25.47 5.91 5.68
C ASP D 205 24.38 6.25 6.70
N PHE D 206 23.12 5.84 6.44
CA PHE D 206 22.05 5.82 7.46
C PHE D 206 21.96 4.48 8.20
N LEU D 207 21.46 4.51 9.43
CA LEU D 207 21.13 3.31 10.25
C LEU D 207 19.75 3.54 10.86
N MET D 208 18.73 2.86 10.36
CA MET D 208 17.34 2.98 10.86
C MET D 208 17.11 1.88 11.92
N CYS D 209 16.77 2.28 13.14
CA CYS D 209 16.62 1.40 14.32
C CYS D 209 15.16 1.43 14.74
N TYR D 210 14.54 0.25 14.93
CA TYR D 210 13.08 0.09 15.14
C TYR D 210 12.81 -0.74 16.40
N SER D 211 11.92 -0.22 17.26
CA SER D 211 11.41 -0.89 18.48
C SER D 211 10.87 -2.29 18.17
N VAL D 212 10.30 -2.52 16.99
CA VAL D 212 9.47 -3.72 16.71
C VAL D 212 9.33 -3.94 15.22
N ALA D 213 9.35 -5.19 14.79
CA ALA D 213 9.20 -5.63 13.39
C ALA D 213 7.74 -6.01 13.10
N GLU D 214 7.39 -6.17 11.81
CA GLU D 214 6.05 -6.60 11.35
C GLU D 214 5.64 -7.90 12.05
N GLY D 215 4.39 -7.95 12.51
CA GLY D 215 3.77 -9.10 13.17
C GLY D 215 4.14 -9.24 14.64
N TYR D 216 5.06 -8.44 15.18
CA TYR D 216 5.39 -8.48 16.63
C TYR D 216 4.65 -7.34 17.34
N TYR D 217 4.90 -7.21 18.65
CA TYR D 217 4.19 -6.24 19.52
C TYR D 217 5.22 -5.44 20.30
N SER D 218 4.89 -4.18 20.56
CA SER D 218 5.78 -3.23 21.27
C SER D 218 5.18 -2.95 22.65
N HIS D 219 6.00 -3.05 23.68
CA HIS D 219 5.62 -2.92 25.11
C HIS D 219 6.13 -1.59 25.69
N ARG D 220 5.29 -0.89 26.43
CA ARG D 220 5.64 0.34 27.19
C ARG D 220 5.10 0.23 28.61
N GLU D 221 5.97 0.30 29.61
CA GLU D 221 5.63 0.38 31.05
C GLU D 221 5.30 1.86 31.31
N THR D 222 4.23 2.18 32.05
CA THR D 222 3.70 3.57 32.16
C THR D 222 4.58 4.45 33.03
N VAL D 223 5.52 3.87 33.79
CA VAL D 223 6.51 4.64 34.58
C VAL D 223 7.91 4.39 34.02
N ASN D 224 8.28 3.14 33.77
CA ASN D 224 9.67 2.75 33.38
C ASN D 224 9.95 2.99 31.89
N GLY D 225 8.92 3.06 31.06
CA GLY D 225 9.04 3.34 29.62
C GLY D 225 9.07 2.08 28.76
N SER D 226 9.33 2.27 27.47
CA SER D 226 9.31 1.22 26.43
C SER D 226 10.39 0.17 26.71
N TRP D 227 10.07 -1.10 26.51
CA TRP D 227 11.03 -2.23 26.65
C TRP D 227 12.25 -1.93 25.79
N TYR D 228 12.03 -1.53 24.54
CA TYR D 228 13.08 -1.30 23.53
C TYR D 228 14.05 -0.22 24.06
N ILE D 229 13.51 0.89 24.56
CA ILE D 229 14.32 2.05 24.99
C ILE D 229 15.05 1.69 26.29
N GLN D 230 14.37 1.02 27.22
CA GLN D 230 15.00 0.55 28.47
C GLN D 230 16.26 -0.23 28.10
N ASP D 231 16.10 -1.21 27.20
CA ASP D 231 17.19 -2.17 26.87
C ASP D 231 18.24 -1.45 26.03
N LEU D 232 17.84 -0.61 25.07
CA LEU D 232 18.80 0.23 24.33
C LEU D 232 19.61 1.07 25.33
N CYS D 233 18.95 1.73 26.27
CA CYS D 233 19.62 2.67 27.21
C CYS D 233 20.52 1.89 28.19
N GLU D 234 20.10 0.68 28.60
CA GLU D 234 20.98 -0.16 29.47
C GLU D 234 22.27 -0.48 28.69
N MET D 235 22.12 -0.87 27.42
CA MET D 235 23.27 -1.28 26.59
C MET D 235 24.15 -0.07 26.31
N LEU D 236 23.57 1.10 26.04
CA LEU D 236 24.37 2.35 25.83
C LEU D 236 25.22 2.63 27.08
N GLY D 237 24.61 2.51 28.28
CA GLY D 237 25.29 2.69 29.57
C GLY D 237 26.48 1.76 29.75
N LYS D 238 26.29 0.46 29.63
CA LYS D 238 27.36 -0.55 29.85
C LYS D 238 28.41 -0.46 28.71
N TYR D 239 27.98 -0.42 27.45
CA TYR D 239 28.84 -0.76 26.28
C TYR D 239 28.89 0.38 25.25
N GLY D 240 28.12 1.46 25.42
CA GLY D 240 28.07 2.56 24.43
C GLY D 240 29.46 2.94 23.92
N SER D 241 30.41 3.10 24.84
CA SER D 241 31.75 3.71 24.57
C SER D 241 32.79 2.67 24.12
N SER D 242 32.50 1.36 24.18
CA SER D 242 33.45 0.27 23.77
C SER D 242 32.98 -0.44 22.49
N LEU D 243 31.71 -0.83 22.40
CA LEU D 243 31.20 -1.74 21.33
C LEU D 243 30.81 -0.98 20.07
N GLU D 244 30.95 -1.65 18.93
CA GLU D 244 30.45 -1.18 17.62
C GLU D 244 28.92 -1.10 17.68
N PHE D 245 28.31 -0.08 17.07
CA PHE D 245 26.94 0.31 17.44
C PHE D 245 25.95 -0.78 16.98
N THR D 246 26.20 -1.41 15.83
CA THR D 246 25.34 -2.53 15.33
C THR D 246 25.53 -3.75 16.24
N GLU D 247 26.75 -4.00 16.77
CA GLU D 247 27.01 -5.06 17.79
C GLU D 247 26.05 -4.88 18.97
N LEU D 248 25.94 -3.62 19.42
CA LEU D 248 25.15 -3.18 20.57
C LEU D 248 23.66 -3.37 20.27
N LEU D 249 23.19 -2.87 19.12
CA LEU D 249 21.78 -3.01 18.69
C LEU D 249 21.41 -4.51 18.67
N THR D 250 22.38 -5.37 18.39
CA THR D 250 22.17 -6.85 18.34
C THR D 250 21.93 -7.34 19.76
N LEU D 251 22.69 -6.83 20.73
CA LEU D 251 22.44 -7.09 22.17
C LEU D 251 21.01 -6.69 22.51
N VAL D 252 20.57 -5.53 22.03
CA VAL D 252 19.21 -5.00 22.33
C VAL D 252 18.19 -5.98 21.74
N ASN D 253 18.46 -6.54 20.57
CA ASN D 253 17.52 -7.49 19.94
C ASN D 253 17.46 -8.73 20.84
N ARG D 254 18.61 -9.21 21.34
CA ARG D 254 18.62 -10.40 22.22
C ARG D 254 17.80 -10.06 23.46
N LYS D 255 18.14 -8.96 24.13
CA LYS D 255 17.54 -8.57 25.43
C LYS D 255 16.02 -8.49 25.29
N VAL D 256 15.53 -7.78 24.28
CA VAL D 256 14.08 -7.53 24.10
C VAL D 256 13.39 -8.84 23.69
N SER D 257 14.01 -9.64 22.81
CA SER D 257 13.41 -10.92 22.31
C SER D 257 13.23 -11.88 23.49
N GLN D 258 14.17 -11.85 24.45
CA GLN D 258 14.18 -12.72 25.65
C GLN D 258 13.24 -12.20 26.76
N ARG D 259 12.54 -11.08 26.60
CA ARG D 259 11.56 -10.67 27.62
C ARG D 259 10.39 -11.65 27.56
N ARG D 260 10.10 -12.30 28.69
CA ARG D 260 9.00 -13.28 28.89
C ARG D 260 7.64 -12.59 28.65
N VAL D 261 6.72 -13.29 27.99
CA VAL D 261 5.33 -12.82 27.73
C VAL D 261 4.35 -13.99 27.93
N ASP D 262 4.69 -14.94 28.83
CA ASP D 262 3.90 -16.19 29.08
C ASP D 262 2.93 -15.96 30.26
N PHE D 263 3.40 -15.42 31.39
CA PHE D 263 2.58 -15.14 32.61
C PHE D 263 2.46 -13.62 32.75
N CYS D 264 1.34 -13.05 32.28
CA CYS D 264 1.09 -11.58 32.18
C CYS D 264 -0.16 -11.19 32.98
N LYS D 265 -0.15 -10.03 33.63
CA LYS D 265 -1.29 -9.49 34.43
C LYS D 265 -2.55 -9.41 33.57
N ASP D 266 -2.43 -9.00 32.30
CA ASP D 266 -3.54 -9.05 31.31
C ASP D 266 -3.50 -10.44 30.65
N PRO D 267 -4.64 -11.16 30.53
CA PRO D 267 -4.70 -12.39 29.73
C PRO D 267 -4.38 -12.20 28.24
N SER D 268 -4.97 -11.18 27.60
CA SER D 268 -4.89 -10.92 26.13
C SER D 268 -3.49 -10.46 25.71
N ALA D 269 -2.62 -10.09 26.65
CA ALA D 269 -1.22 -9.66 26.41
C ALA D 269 -0.28 -10.87 26.34
N ILE D 270 -0.75 -12.07 26.70
CA ILE D 270 0.07 -13.32 26.68
C ILE D 270 0.35 -13.68 25.22
N GLY D 271 1.59 -14.09 24.92
CA GLY D 271 2.01 -14.61 23.61
C GLY D 271 2.46 -13.53 22.64
N LYS D 272 2.31 -12.26 23.01
CA LYS D 272 2.65 -11.09 22.14
C LYS D 272 4.15 -10.75 22.30
N LYS D 273 5.04 -11.45 21.60
CA LYS D 273 6.51 -11.23 21.72
C LYS D 273 6.88 -9.90 21.07
N GLN D 274 8.03 -9.36 21.49
CA GLN D 274 8.61 -8.15 20.86
C GLN D 274 9.96 -8.53 20.26
N VAL D 275 10.08 -8.26 18.95
CA VAL D 275 11.36 -8.42 18.20
C VAL D 275 11.67 -7.10 17.53
N PRO D 276 12.71 -6.37 17.98
CA PRO D 276 13.12 -5.16 17.28
C PRO D 276 13.97 -5.57 16.08
N CYS D 277 14.40 -4.59 15.28
CA CYS D 277 15.35 -4.80 14.18
C CYS D 277 16.06 -3.49 13.85
N PHE D 278 17.06 -3.57 12.97
CA PHE D 278 17.71 -2.39 12.38
C PHE D 278 18.01 -2.65 10.91
N ALA D 279 17.87 -1.59 10.13
CA ALA D 279 18.22 -1.56 8.69
C ALA D 279 19.48 -0.71 8.55
N SER D 280 20.61 -1.33 8.20
CA SER D 280 21.96 -0.70 8.09
C SER D 280 22.24 -0.42 6.62
N MET D 281 22.53 0.83 6.32
CA MET D 281 23.13 1.24 5.05
C MET D 281 24.52 1.80 5.38
N LEU D 282 25.03 1.50 6.56
CA LEU D 282 26.38 1.97 6.98
C LEU D 282 27.42 1.29 6.10
N THR D 283 28.56 1.94 5.90
CA THR D 283 29.65 1.50 5.00
C THR D 283 30.92 1.23 5.80
N LYS D 284 30.90 1.44 7.12
CA LYS D 284 32.08 1.24 7.99
C LYS D 284 31.63 0.86 9.39
N LYS D 285 32.58 0.46 10.23
CA LYS D 285 32.30 0.20 11.66
C LYS D 285 32.07 1.55 12.35
N LEU D 286 31.13 1.59 13.30
CA LEU D 286 30.67 2.82 14.01
C LEU D 286 30.95 2.61 15.49
N HIS D 287 31.87 3.39 16.04
CA HIS D 287 32.22 3.39 17.48
C HIS D 287 32.01 4.79 18.06
N PHE D 288 31.62 4.85 19.34
CA PHE D 288 31.50 6.13 20.09
C PHE D 288 32.53 6.11 21.23
N PHE D 289 33.81 5.92 20.89
CA PHE D 289 34.93 5.96 21.87
C PHE D 289 34.93 7.33 22.55
N PRO D 290 35.31 7.42 23.85
CA PRO D 290 35.32 8.69 24.57
C PRO D 290 36.10 9.75 23.76
N LYS D 291 35.53 10.95 23.59
CA LYS D 291 36.22 12.06 22.90
C LYS D 291 37.23 12.70 23.86
N SER D 292 38.34 13.21 23.31
CA SER D 292 39.42 13.96 23.99
C SER D 292 38.98 15.36 24.43
N ASN D 293 39.02 15.65 25.74
CA ASN D 293 38.76 16.96 26.38
C ASN D 293 39.77 17.99 25.85
#